data_3W6F
#
_entry.id   3W6F
#
_cell.length_a   99.304
_cell.length_b   99.304
_cell.length_c   242.406
_cell.angle_alpha   90.000
_cell.angle_beta   90.000
_cell.angle_gamma   120.000
#
_symmetry.space_group_name_H-M   'P 61 2 2'
#
loop_
_entity.id
_entity.type
_entity.pdbx_description
1 polymer 'Lysozyme-like chitinolytic enzyme'
2 branched 2-acetamido-2-deoxy-beta-D-glucopyranose-(1-4)-2-acetamido-2-deoxy-beta-D-glucopyranose
3 water water
#
_entity_poly.entity_id   1
_entity_poly.type   'polypeptide(L)'
_entity_poly.pdbx_seq_one_letter_code
;MNHKVHHHHHHIEGRHMGTTPSDPPTNPPTTVTKPAEVPSRIWTYVMNADNAYGKGGDFALLLSAVIKKESYFGDGLSGS
PSAGDGLMQVQPNTRNAYLSQFSAKYGHAYNHSSEQDQVYMGSLILNEKIVRFGSIYSGLLHYNGGDYWYPGATDSYGRP
ILADQYANTVYAQYKSYGGRYSR
;
_entity_poly.pdbx_strand_id   A,B,C,D
#
loop_
_chem_comp.id
_chem_comp.type
_chem_comp.name
_chem_comp.formula
NAG D-saccharide, beta linking 2-acetamido-2-deoxy-beta-D-glucopyranose 'C8 H15 N O6'
#
# COMPACT_ATOMS: atom_id res chain seq x y z
N VAL A 32 -12.60 -5.69 -6.84
CA VAL A 32 -12.76 -6.53 -5.61
C VAL A 32 -14.15 -6.37 -5.01
N THR A 33 -14.96 -7.42 -5.11
CA THR A 33 -16.29 -7.46 -4.49
C THR A 33 -16.41 -8.60 -3.48
N LYS A 34 -17.44 -8.52 -2.63
CA LYS A 34 -17.69 -9.55 -1.63
C LYS A 34 -18.03 -10.88 -2.28
N PRO A 35 -17.31 -11.95 -1.91
CA PRO A 35 -17.67 -13.31 -2.32
C PRO A 35 -19.06 -13.64 -1.79
N ALA A 36 -19.88 -14.26 -2.63
CA ALA A 36 -21.29 -14.54 -2.30
C ALA A 36 -21.47 -15.25 -0.97
N GLU A 37 -20.58 -16.20 -0.67
CA GLU A 37 -20.72 -17.02 0.53
C GLU A 37 -20.31 -16.30 1.83
N VAL A 38 -19.51 -15.25 1.71
CA VAL A 38 -19.05 -14.48 2.88
C VAL A 38 -20.18 -13.58 3.41
N PRO A 39 -20.56 -13.76 4.70
CA PRO A 39 -21.62 -12.97 5.31
C PRO A 39 -21.29 -11.47 5.35
N SER A 40 -22.32 -10.64 5.23
CA SER A 40 -22.19 -9.19 5.19
C SER A 40 -21.41 -8.60 6.37
N ARG A 41 -21.71 -9.06 7.58
CA ARG A 41 -21.02 -8.57 8.79
C ARG A 41 -19.51 -8.85 8.74
N ILE A 42 -19.14 -10.02 8.22
CA ILE A 42 -17.73 -10.42 8.12
C ILE A 42 -16.98 -9.56 7.10
N TRP A 43 -17.65 -9.26 5.98
CA TRP A 43 -17.05 -8.47 4.92
C TRP A 43 -16.67 -7.09 5.43
N THR A 44 -17.54 -6.48 6.22
CA THR A 44 -17.24 -5.19 6.84
C THR A 44 -16.00 -5.30 7.74
N TYR A 45 -15.93 -6.34 8.56
CA TYR A 45 -14.78 -6.55 9.45
C TYR A 45 -13.47 -6.59 8.66
N VAL A 46 -13.41 -7.45 7.64
CA VAL A 46 -12.18 -7.66 6.85
C VAL A 46 -11.83 -6.46 5.97
N MET A 47 -12.86 -5.73 5.54
CA MET A 47 -12.67 -4.54 4.72
C MET A 47 -12.08 -3.39 5.54
N ASN A 48 -12.52 -3.25 6.79
CA ASN A 48 -11.94 -2.28 7.70
C ASN A 48 -10.47 -2.60 7.98
N ALA A 49 -10.20 -3.90 8.20
CA ALA A 49 -8.83 -4.39 8.40
C ALA A 49 -7.95 -4.11 7.18
N ASP A 50 -8.50 -4.34 5.99
CA ASP A 50 -7.81 -4.09 4.73
C ASP A 50 -7.43 -2.60 4.62
N ASN A 51 -8.38 -1.71 4.95
CA ASN A 51 -8.15 -0.26 4.93
C ASN A 51 -7.05 0.19 5.87
N ALA A 52 -6.94 -0.50 7.00
CA ALA A 52 -5.91 -0.24 8.00
C ALA A 52 -4.51 -0.56 7.48
N TYR A 53 -4.41 -1.45 6.49
CA TYR A 53 -3.11 -1.86 5.93
C TYR A 53 -2.85 -1.36 4.50
N GLY A 54 -3.82 -0.65 3.95
CA GLY A 54 -3.75 -0.12 2.59
C GLY A 54 -3.50 -1.22 1.58
N LYS A 55 -4.47 -2.13 1.46
CA LYS A 55 -4.29 -3.31 0.61
C LYS A 55 -5.27 -3.38 -0.54
N GLY A 56 -6.08 -2.33 -0.69
CA GLY A 56 -6.99 -2.18 -1.83
C GLY A 56 -7.98 -3.32 -2.04
N GLY A 57 -8.48 -3.89 -0.94
CA GLY A 57 -9.49 -4.94 -0.98
C GLY A 57 -8.97 -6.37 -1.04
N ASP A 58 -7.69 -6.53 -1.37
CA ASP A 58 -7.11 -7.87 -1.55
C ASP A 58 -6.86 -8.63 -0.26
N PHE A 59 -6.44 -7.93 0.79
CA PHE A 59 -6.22 -8.52 2.10
C PHE A 59 -7.56 -8.98 2.67
N ALA A 60 -8.63 -8.22 2.37
CA ALA A 60 -9.99 -8.58 2.78
C ALA A 60 -10.43 -9.93 2.21
N LEU A 61 -9.96 -10.23 1.00
CA LEU A 61 -10.20 -11.54 0.37
C LEU A 61 -9.44 -12.65 1.09
N LEU A 62 -8.18 -12.39 1.41
CA LEU A 62 -7.34 -13.34 2.16
C LEU A 62 -7.91 -13.61 3.55
N LEU A 63 -8.31 -12.54 4.22
CA LEU A 63 -8.88 -12.65 5.57
C LEU A 63 -10.21 -13.41 5.59
N SER A 64 -11.01 -13.23 4.54
CA SER A 64 -12.24 -13.99 4.36
C SER A 64 -11.96 -15.50 4.33
N ALA A 65 -10.95 -15.89 3.57
CA ALA A 65 -10.51 -17.27 3.47
C ALA A 65 -9.99 -17.80 4.80
N VAL A 66 -9.21 -16.98 5.49
CA VAL A 66 -8.72 -17.34 6.83
C VAL A 66 -9.88 -17.55 7.80
N ILE A 67 -10.82 -16.60 7.85
CA ILE A 67 -11.97 -16.69 8.76
C ILE A 67 -12.85 -17.90 8.46
N LYS A 68 -13.04 -18.20 7.17
CA LYS A 68 -13.80 -19.39 6.75
C LYS A 68 -13.18 -20.66 7.33
N LYS A 69 -11.87 -20.82 7.15
CA LYS A 69 -11.16 -21.99 7.65
C LYS A 69 -11.16 -22.07 9.18
N GLU A 70 -10.98 -20.92 9.83
CA GLU A 70 -10.78 -20.86 11.27
C GLU A 70 -12.05 -21.06 12.09
N SER A 71 -13.12 -20.35 11.72
CA SER A 71 -14.33 -20.31 12.53
C SER A 71 -15.60 -20.51 11.71
N TYR A 72 -15.43 -20.66 10.40
CA TYR A 72 -16.54 -20.67 9.46
C TYR A 72 -17.45 -19.48 9.68
N PHE A 73 -16.84 -18.30 9.71
CA PHE A 73 -17.55 -17.02 9.91
C PHE A 73 -18.29 -16.94 11.25
N GLY A 74 -17.91 -17.82 12.19
CA GLY A 74 -18.53 -17.84 13.51
C GLY A 74 -19.49 -18.99 13.70
N ASP A 75 -19.82 -19.70 12.63
CA ASP A 75 -20.76 -20.82 12.69
C ASP A 75 -20.09 -22.16 12.99
N GLY A 76 -18.76 -22.18 12.93
CA GLY A 76 -18.02 -23.40 13.15
C GLY A 76 -17.21 -23.38 14.43
N LEU A 77 -17.70 -22.63 15.43
CA LEU A 77 -16.99 -22.49 16.71
C LEU A 77 -17.42 -23.48 17.77
N SER A 78 -18.73 -23.61 18.00
CA SER A 78 -19.25 -24.48 19.06
C SER A 78 -18.81 -25.92 18.86
N GLY A 79 -18.66 -26.65 19.96
CA GLY A 79 -18.15 -28.03 19.92
C GLY A 79 -16.64 -28.09 20.10
N SER A 80 -15.93 -27.09 19.57
CA SER A 80 -14.48 -27.04 19.67
C SER A 80 -14.01 -26.53 21.03
N PRO A 81 -12.89 -27.08 21.55
CA PRO A 81 -12.25 -26.55 22.75
C PRO A 81 -11.68 -25.15 22.55
N SER A 82 -11.41 -24.78 21.29
CA SER A 82 -10.90 -23.45 20.95
C SER A 82 -12.00 -22.48 20.53
N ALA A 83 -13.26 -22.81 20.85
CA ALA A 83 -14.40 -21.96 20.51
C ALA A 83 -14.21 -20.52 20.99
N GLY A 84 -13.80 -20.36 22.24
CA GLY A 84 -13.63 -19.05 22.87
C GLY A 84 -12.59 -18.15 22.22
N ASP A 85 -11.83 -18.68 21.27
CA ASP A 85 -10.73 -17.93 20.62
C ASP A 85 -11.20 -17.02 19.47
N GLY A 86 -12.46 -17.14 19.09
CA GLY A 86 -13.07 -16.19 18.16
C GLY A 86 -12.85 -16.40 16.67
N LEU A 87 -13.20 -15.38 15.89
CA LEU A 87 -13.27 -15.47 14.43
C LEU A 87 -12.01 -15.94 13.70
N MET A 88 -10.85 -15.54 14.20
CA MET A 88 -9.59 -15.87 13.52
C MET A 88 -8.76 -16.85 14.34
N GLN A 89 -9.36 -17.33 15.43
CA GLN A 89 -8.80 -18.39 16.26
C GLN A 89 -7.40 -18.08 16.77
N VAL A 90 -7.20 -16.84 17.20
CA VAL A 90 -5.93 -16.47 17.80
C VAL A 90 -5.93 -16.98 19.23
N GLN A 91 -4.89 -17.75 19.55
CA GLN A 91 -4.82 -18.46 20.84
C GLN A 91 -4.49 -17.49 21.97
N PRO A 92 -4.96 -17.77 23.21
CA PRO A 92 -4.81 -16.84 24.33
C PRO A 92 -3.40 -16.28 24.51
N ASN A 93 -2.37 -17.13 24.49
CA ASN A 93 -0.99 -16.67 24.68
C ASN A 93 -0.47 -15.85 23.50
N THR A 94 -1.03 -16.10 22.32
CA THR A 94 -0.69 -15.32 21.14
C THR A 94 -1.35 -13.93 21.21
N ARG A 95 -2.62 -13.88 21.60
CA ARG A 95 -3.31 -12.60 21.79
C ARG A 95 -2.56 -11.75 22.81
N ASN A 96 -2.19 -12.37 23.93
CA ASN A 96 -1.42 -11.71 24.98
C ASN A 96 -0.09 -11.13 24.46
N ALA A 97 0.58 -11.87 23.59
CA ALA A 97 1.86 -11.42 23.05
C ALA A 97 1.76 -10.13 22.22
N TYR A 98 0.64 -9.96 21.51
CA TYR A 98 0.48 -8.85 20.58
C TYR A 98 -0.39 -7.70 21.11
N LEU A 99 -0.62 -7.65 22.42
CA LEU A 99 -1.58 -6.67 22.97
C LEU A 99 -1.15 -5.22 22.74
N SER A 100 0.09 -4.89 23.10
CA SER A 100 0.61 -3.53 22.94
C SER A 100 0.69 -3.12 21.47
N GLN A 101 1.10 -4.07 20.62
CA GLN A 101 1.19 -3.83 19.19
C GLN A 101 -0.19 -3.60 18.57
N PHE A 102 -1.19 -4.37 19.00
CA PHE A 102 -2.57 -4.15 18.56
C PHE A 102 -3.02 -2.73 18.91
N SER A 103 -2.72 -2.31 20.13
CA SER A 103 -3.17 -1.01 20.62
C SER A 103 -2.50 0.12 19.85
N ALA A 104 -1.22 -0.05 19.52
CA ALA A 104 -0.49 0.90 18.70
C ALA A 104 -1.08 1.01 17.30
N LYS A 105 -1.35 -0.14 16.66
CA LYS A 105 -1.90 -0.17 15.32
C LYS A 105 -3.29 0.46 15.22
N TYR A 106 -4.17 0.13 16.17
CA TYR A 106 -5.59 0.48 16.06
C TYR A 106 -6.09 1.59 17.01
N GLY A 107 -5.23 2.04 17.92
CA GLY A 107 -5.58 3.17 18.79
C GLY A 107 -6.51 2.88 19.97
N HIS A 108 -6.88 1.61 20.16
CA HIS A 108 -7.66 1.20 21.33
C HIS A 108 -7.23 -0.18 21.81
N ALA A 109 -7.43 -0.44 23.10
CA ALA A 109 -7.07 -1.73 23.70
C ALA A 109 -7.84 -2.87 23.04
N TYR A 110 -7.18 -4.01 22.85
CA TYR A 110 -7.83 -5.17 22.29
C TYR A 110 -9.00 -5.61 23.15
N ASN A 111 -10.17 -5.67 22.54
CA ASN A 111 -11.38 -6.11 23.21
C ASN A 111 -11.81 -7.43 22.61
N HIS A 112 -11.56 -8.52 23.32
CA HIS A 112 -11.87 -9.86 22.81
C HIS A 112 -13.35 -10.10 22.55
N SER A 113 -14.24 -9.34 23.20
CA SER A 113 -15.68 -9.47 22.98
C SER A 113 -16.10 -8.86 21.65
N SER A 114 -15.24 -8.01 21.09
CA SER A 114 -15.52 -7.36 19.82
C SER A 114 -15.03 -8.22 18.66
N GLU A 115 -15.95 -8.54 17.75
CA GLU A 115 -15.63 -9.31 16.56
C GLU A 115 -14.73 -8.54 15.59
N GLN A 116 -14.92 -7.23 15.50
CA GLN A 116 -14.05 -6.37 14.69
C GLN A 116 -12.61 -6.37 15.23
N ASP A 117 -12.45 -6.37 16.54
CA ASP A 117 -11.14 -6.46 17.19
C ASP A 117 -10.48 -7.82 16.97
N GLN A 118 -11.28 -8.89 17.07
CA GLN A 118 -10.80 -10.24 16.77
C GLN A 118 -10.19 -10.27 15.37
N VAL A 119 -10.90 -9.69 14.41
CA VAL A 119 -10.42 -9.62 13.03
C VAL A 119 -9.18 -8.73 12.90
N TYR A 120 -9.19 -7.56 13.55
CA TYR A 120 -8.02 -6.68 13.61
C TYR A 120 -6.78 -7.38 14.20
N MET A 121 -6.99 -8.21 15.22
CA MET A 121 -5.89 -8.90 15.90
C MET A 121 -5.31 -9.97 14.99
N GLY A 122 -6.20 -10.77 14.40
CA GLY A 122 -5.80 -11.79 13.43
C GLY A 122 -5.07 -11.18 12.24
N SER A 123 -5.61 -10.07 11.73
CA SER A 123 -5.03 -9.37 10.58
C SER A 123 -3.64 -8.82 10.87
N LEU A 124 -3.47 -8.27 12.06
CA LEU A 124 -2.17 -7.75 12.49
C LEU A 124 -1.14 -8.86 12.48
N ILE A 125 -1.48 -10.00 13.06
CA ILE A 125 -0.56 -11.13 13.17
C ILE A 125 -0.22 -11.69 11.80
N LEU A 126 -1.25 -11.91 10.99
CA LEU A 126 -1.07 -12.42 9.64
C LEU A 126 -0.24 -11.47 8.78
N ASN A 127 -0.53 -10.16 8.84
CA ASN A 127 0.28 -9.18 8.11
C ASN A 127 1.74 -9.28 8.52
N GLU A 128 1.97 -9.31 9.83
CA GLU A 128 3.33 -9.41 10.39
C GLU A 128 4.09 -10.64 9.84
N LYS A 129 3.43 -11.80 9.77
CA LYS A 129 4.06 -13.01 9.23
C LYS A 129 4.38 -12.87 7.75
N ILE A 130 3.45 -12.29 7.00
CA ILE A 130 3.63 -12.10 5.56
C ILE A 130 4.78 -11.14 5.28
N VAL A 131 4.84 -10.04 6.02
CA VAL A 131 5.92 -9.08 5.83
C VAL A 131 7.27 -9.71 6.23
N ARG A 132 7.31 -10.33 7.41
CA ARG A 132 8.55 -10.91 7.92
C ARG A 132 9.10 -12.09 7.08
N PHE A 133 8.24 -13.05 6.79
CA PHE A 133 8.65 -14.24 6.03
C PHE A 133 8.73 -14.01 4.52
N GLY A 134 8.07 -12.95 4.04
CA GLY A 134 8.21 -12.52 2.66
C GLY A 134 7.16 -12.97 1.67
N SER A 135 6.20 -13.80 2.11
CA SER A 135 5.15 -14.29 1.21
C SER A 135 3.84 -14.65 1.91
N ILE A 136 2.78 -14.76 1.12
CA ILE A 136 1.44 -15.10 1.60
C ILE A 136 1.41 -16.54 2.11
N TYR A 137 1.89 -17.48 1.28
CA TYR A 137 1.87 -18.89 1.65
C TYR A 137 2.57 -19.14 2.98
N SER A 138 3.79 -18.59 3.12
CA SER A 138 4.58 -18.74 4.32
C SER A 138 3.93 -18.02 5.52
N GLY A 139 3.30 -16.88 5.24
CA GLY A 139 2.57 -16.12 6.26
C GLY A 139 1.42 -16.92 6.83
N LEU A 140 0.70 -17.60 5.96
CA LEU A 140 -0.41 -18.47 6.36
C LEU A 140 0.12 -19.64 7.18
N LEU A 141 1.20 -20.26 6.70
CA LEU A 141 1.77 -21.44 7.37
C LEU A 141 2.17 -21.13 8.81
N HIS A 142 2.92 -20.04 8.98
CA HIS A 142 3.42 -19.62 10.28
C HIS A 142 2.36 -18.90 11.12
N TYR A 143 1.33 -18.35 10.47
CA TYR A 143 0.18 -17.86 11.20
C TYR A 143 -0.44 -19.02 11.99
N ASN A 144 -0.67 -20.13 11.30
CA ASN A 144 -1.33 -21.29 11.89
C ASN A 144 -0.44 -22.13 12.80
N GLY A 145 0.85 -22.22 12.48
CA GLY A 145 1.76 -23.07 13.26
C GLY A 145 2.71 -22.35 14.20
N GLY A 146 2.84 -21.04 14.04
CA GLY A 146 3.87 -20.29 14.75
C GLY A 146 5.12 -20.27 13.90
N ASP A 147 6.11 -19.49 14.32
CA ASP A 147 7.37 -19.38 13.58
C ASP A 147 8.19 -20.68 13.60
N TYR A 148 7.90 -21.55 14.58
CA TYR A 148 8.71 -22.75 14.82
C TYR A 148 7.94 -24.06 14.63
N TRP A 149 6.94 -24.02 13.75
CA TRP A 149 6.11 -25.18 13.42
C TRP A 149 6.89 -26.31 12.74
N TYR A 150 6.64 -27.53 13.17
CA TYR A 150 7.15 -28.73 12.50
C TYR A 150 5.99 -29.72 12.39
N PRO A 151 6.06 -30.65 11.42
CA PRO A 151 5.03 -31.69 11.36
C PRO A 151 4.93 -32.44 12.68
N GLY A 152 3.72 -32.59 13.22
CA GLY A 152 3.51 -33.24 14.51
C GLY A 152 3.31 -32.30 15.69
N ALA A 153 3.70 -31.03 15.52
CA ALA A 153 3.50 -30.01 16.57
C ALA A 153 2.02 -29.83 16.91
N THR A 154 1.73 -29.62 18.19
CA THR A 154 0.35 -29.48 18.64
C THR A 154 0.07 -28.09 19.19
N ASP A 155 -1.21 -27.69 19.20
CA ASP A 155 -1.58 -26.36 19.69
C ASP A 155 -1.73 -26.33 21.22
N SER A 156 -2.22 -25.21 21.74
CA SER A 156 -2.39 -25.02 23.17
C SER A 156 -3.51 -25.90 23.75
N TYR A 157 -4.25 -26.56 22.86
CA TYR A 157 -5.30 -27.51 23.26
C TYR A 157 -4.86 -28.96 23.04
N GLY A 158 -3.66 -29.12 22.45
CA GLY A 158 -3.10 -30.45 22.21
C GLY A 158 -3.51 -31.07 20.89
N ARG A 159 -4.13 -30.28 20.02
CA ARG A 159 -4.55 -30.75 18.70
C ARG A 159 -3.40 -30.62 17.71
N PRO A 160 -3.27 -31.60 16.79
CA PRO A 160 -2.19 -31.52 15.80
C PRO A 160 -2.37 -30.35 14.83
N ILE A 161 -1.29 -29.58 14.63
CA ILE A 161 -1.29 -28.45 13.71
C ILE A 161 -0.80 -28.87 12.32
N LEU A 162 -1.69 -28.85 11.34
CA LEU A 162 -1.35 -29.21 9.98
C LEU A 162 -1.11 -27.94 9.16
N ALA A 163 -0.03 -27.22 9.51
CA ALA A 163 0.21 -25.88 8.98
C ALA A 163 0.37 -25.84 7.46
N ASP A 164 1.05 -26.83 6.90
CA ASP A 164 1.22 -26.95 5.45
C ASP A 164 -0.13 -27.07 4.71
N GLN A 165 -0.99 -27.96 5.20
CA GLN A 165 -2.32 -28.16 4.62
C GLN A 165 -3.19 -26.92 4.77
N TYR A 166 -3.13 -26.31 5.97
CA TYR A 166 -3.83 -25.05 6.23
C TYR A 166 -3.47 -24.04 5.16
N ALA A 167 -2.16 -23.81 4.99
CA ALA A 167 -1.66 -22.85 4.02
C ALA A 167 -2.12 -23.14 2.59
N ASN A 168 -2.09 -24.41 2.20
CA ASN A 168 -2.46 -24.79 0.83
C ASN A 168 -3.92 -24.52 0.53
N THR A 169 -4.80 -24.96 1.44
CA THR A 169 -6.24 -24.81 1.27
C THR A 169 -6.71 -23.35 1.42
N VAL A 170 -6.13 -22.61 2.36
CA VAL A 170 -6.45 -21.18 2.52
C VAL A 170 -5.93 -20.34 1.34
N TYR A 171 -4.73 -20.67 0.85
CA TYR A 171 -4.18 -19.97 -0.32
C TYR A 171 -5.05 -20.22 -1.56
N ALA A 172 -5.49 -21.48 -1.74
CA ALA A 172 -6.39 -21.83 -2.84
C ALA A 172 -7.68 -21.02 -2.75
N GLN A 173 -8.28 -20.99 -1.57
CA GLN A 173 -9.53 -20.25 -1.30
C GLN A 173 -9.40 -18.74 -1.55
N TYR A 174 -8.30 -18.17 -1.08
CA TYR A 174 -7.94 -16.78 -1.39
C TYR A 174 -7.90 -16.53 -2.90
N LYS A 175 -7.35 -17.49 -3.64
CA LYS A 175 -7.30 -17.42 -5.10
C LYS A 175 -8.69 -17.62 -5.72
N SER A 176 -9.47 -18.53 -5.15
CA SER A 176 -10.85 -18.79 -5.60
C SER A 176 -11.74 -17.56 -5.39
N TYR A 177 -11.40 -16.76 -4.38
CA TYR A 177 -12.11 -15.52 -4.10
C TYR A 177 -11.71 -14.38 -5.05
N GLY A 178 -10.63 -14.59 -5.79
CA GLY A 178 -10.16 -13.61 -6.77
C GLY A 178 -8.94 -12.82 -6.32
N GLY A 179 -8.15 -13.39 -5.41
CA GLY A 179 -6.96 -12.73 -4.91
C GLY A 179 -5.86 -12.69 -5.95
N ARG A 180 -5.30 -11.49 -6.18
CA ARG A 180 -4.30 -11.29 -7.23
C ARG A 180 -2.91 -11.83 -6.88
N TYR A 181 -2.43 -11.52 -5.68
CA TYR A 181 -1.07 -11.90 -5.29
C TYR A 181 -0.97 -13.37 -4.90
N THR B 31 13.55 14.62 -0.73
CA THR B 31 14.03 13.77 0.40
C THR B 31 13.14 12.54 0.63
N VAL B 32 12.14 12.35 -0.22
CA VAL B 32 11.24 11.20 -0.11
C VAL B 32 11.44 10.20 -1.24
N THR B 33 11.32 8.92 -0.91
CA THR B 33 11.50 7.84 -1.87
C THR B 33 10.13 7.34 -2.35
N LYS B 34 10.10 6.88 -3.60
CA LYS B 34 8.90 6.25 -4.15
C LYS B 34 8.54 4.98 -3.38
N PRO B 35 7.29 4.88 -2.87
CA PRO B 35 6.83 3.62 -2.32
C PRO B 35 7.01 2.49 -3.32
N ALA B 36 7.46 1.34 -2.84
CA ALA B 36 7.81 0.20 -3.71
C ALA B 36 6.72 -0.16 -4.71
N GLU B 37 5.48 -0.23 -4.23
CA GLU B 37 4.35 -0.65 -5.06
C GLU B 37 3.93 0.37 -6.13
N VAL B 38 4.31 1.64 -5.95
CA VAL B 38 3.93 2.71 -6.87
C VAL B 38 4.74 2.59 -8.16
N PRO B 39 4.04 2.45 -9.31
CA PRO B 39 4.75 2.32 -10.58
C PRO B 39 5.51 3.59 -10.92
N SER B 40 6.66 3.40 -11.56
CA SER B 40 7.57 4.50 -11.89
C SER B 40 6.92 5.61 -12.73
N ARG B 41 6.06 5.24 -13.68
CA ARG B 41 5.42 6.26 -14.51
C ARG B 41 4.47 7.13 -13.67
N ILE B 42 3.82 6.50 -12.69
CA ILE B 42 2.91 7.21 -11.79
C ILE B 42 3.69 8.16 -10.88
N TRP B 43 4.82 7.68 -10.37
CA TRP B 43 5.64 8.47 -9.45
C TRP B 43 6.13 9.77 -10.13
N THR B 44 6.46 9.66 -11.41
CA THR B 44 6.86 10.82 -12.20
C THR B 44 5.71 11.83 -12.35
N TYR B 45 4.52 11.35 -12.66
CA TYR B 45 3.34 12.22 -12.72
C TYR B 45 3.13 13.00 -11.41
N VAL B 46 3.08 12.28 -10.28
CA VAL B 46 2.75 12.88 -8.99
C VAL B 46 3.86 13.78 -8.47
N MET B 47 5.10 13.44 -8.81
CA MET B 47 6.26 14.24 -8.43
C MET B 47 6.23 15.55 -9.21
N ASN B 48 5.76 15.51 -10.46
CA ASN B 48 5.54 16.73 -11.24
C ASN B 48 4.43 17.61 -10.66
N ALA B 49 3.34 16.98 -10.22
CA ALA B 49 2.26 17.70 -9.56
C ALA B 49 2.76 18.29 -8.23
N ASP B 50 3.56 17.52 -7.51
CA ASP B 50 4.10 17.96 -6.22
C ASP B 50 4.96 19.21 -6.42
N ASN B 51 5.87 19.17 -7.40
CA ASN B 51 6.68 20.34 -7.76
C ASN B 51 5.85 21.59 -8.01
N ALA B 52 4.74 21.44 -8.74
CA ALA B 52 3.89 22.58 -9.11
C ALA B 52 3.26 23.28 -7.91
N TYR B 53 3.04 22.54 -6.82
CA TYR B 53 2.47 23.12 -5.61
C TYR B 53 3.51 23.36 -4.49
N GLY B 54 4.76 23.01 -4.78
CA GLY B 54 5.90 23.25 -3.87
C GLY B 54 5.84 22.49 -2.56
N LYS B 55 5.42 21.22 -2.61
CA LYS B 55 5.14 20.47 -1.40
C LYS B 55 6.28 19.50 -1.00
N GLY B 56 7.45 19.69 -1.59
CA GLY B 56 8.66 18.95 -1.21
C GLY B 56 8.57 17.44 -1.15
N GLY B 57 7.74 16.86 -2.03
CA GLY B 57 7.63 15.40 -2.16
C GLY B 57 6.48 14.76 -1.40
N ASP B 58 5.92 15.50 -0.45
CA ASP B 58 4.90 14.96 0.45
C ASP B 58 3.53 14.80 -0.22
N PHE B 59 3.17 15.76 -1.07
CA PHE B 59 1.96 15.71 -1.87
C PHE B 59 2.01 14.54 -2.87
N ALA B 60 3.19 14.28 -3.42
CA ALA B 60 3.42 13.11 -4.28
C ALA B 60 2.95 11.81 -3.60
N LEU B 61 3.22 11.70 -2.30
CA LEU B 61 2.81 10.55 -1.49
C LEU B 61 1.29 10.47 -1.36
N LEU B 62 0.66 11.62 -1.13
CA LEU B 62 -0.80 11.68 -1.02
C LEU B 62 -1.45 11.28 -2.34
N LEU B 63 -0.94 11.84 -3.43
CA LEU B 63 -1.49 11.59 -4.76
C LEU B 63 -1.31 10.13 -5.19
N SER B 64 -0.22 9.50 -4.74
CA SER B 64 0.00 8.08 -4.96
C SER B 64 -1.12 7.27 -4.31
N ALA B 65 -1.48 7.66 -3.08
CA ALA B 65 -2.56 7.03 -2.34
C ALA B 65 -3.90 7.25 -3.03
N VAL B 66 -4.14 8.49 -3.49
CA VAL B 66 -5.36 8.81 -4.22
C VAL B 66 -5.45 7.96 -5.50
N ILE B 67 -4.38 7.91 -6.27
CA ILE B 67 -4.38 7.12 -7.51
C ILE B 67 -4.58 5.62 -7.23
N LYS B 68 -3.89 5.11 -6.20
CA LYS B 68 -4.06 3.71 -5.81
C LYS B 68 -5.54 3.40 -5.56
N LYS B 69 -6.18 4.24 -4.76
CA LYS B 69 -7.59 4.10 -4.41
C LYS B 69 -8.53 4.32 -5.60
N GLU B 70 -8.25 5.33 -6.41
CA GLU B 70 -9.14 5.70 -7.53
C GLU B 70 -9.10 4.77 -8.73
N SER B 71 -7.91 4.28 -9.08
CA SER B 71 -7.74 3.56 -10.34
C SER B 71 -6.78 2.38 -10.24
N TYR B 72 -6.27 2.12 -9.03
CA TYR B 72 -5.13 1.23 -8.83
C TYR B 72 -4.06 1.44 -9.91
N PHE B 73 -3.60 2.70 -10.01
CA PHE B 73 -2.55 3.10 -10.94
C PHE B 73 -2.90 2.87 -12.41
N GLY B 74 -4.19 2.81 -12.72
CA GLY B 74 -4.65 2.54 -14.07
C GLY B 74 -5.04 1.09 -14.29
N ASP B 75 -4.49 0.20 -13.47
CA ASP B 75 -4.72 -1.24 -13.60
C ASP B 75 -6.12 -1.67 -13.17
N GLY B 76 -6.79 -0.86 -12.34
CA GLY B 76 -8.11 -1.20 -11.81
C GLY B 76 -9.28 -0.46 -12.46
N LEU B 77 -9.09 -0.01 -13.69
CA LEU B 77 -10.10 0.80 -14.38
C LEU B 77 -11.17 0.02 -15.14
N SER B 78 -10.76 -1.01 -15.88
CA SER B 78 -11.69 -1.74 -16.77
C SER B 78 -12.75 -2.54 -16.02
N GLY B 79 -13.95 -2.58 -16.61
CA GLY B 79 -15.10 -3.20 -15.98
C GLY B 79 -15.98 -2.15 -15.30
N SER B 80 -15.36 -1.06 -14.86
CA SER B 80 -16.05 0.02 -14.18
C SER B 80 -16.74 0.98 -15.16
N PRO B 81 -17.94 1.47 -14.80
CA PRO B 81 -18.62 2.47 -15.62
C PRO B 81 -17.88 3.81 -15.70
N SER B 82 -16.95 4.05 -14.77
CA SER B 82 -16.19 5.30 -14.75
C SER B 82 -14.75 5.10 -15.21
N ALA B 83 -14.51 4.01 -15.94
CA ALA B 83 -13.18 3.69 -16.49
C ALA B 83 -12.57 4.86 -17.25
N GLY B 84 -13.39 5.50 -18.08
CA GLY B 84 -12.93 6.61 -18.94
C GLY B 84 -12.52 7.88 -18.23
N ASP B 85 -12.77 7.96 -16.92
CA ASP B 85 -12.42 9.16 -16.15
C ASP B 85 -10.97 9.23 -15.74
N GLY B 86 -10.22 8.15 -16.00
CA GLY B 86 -8.76 8.19 -15.87
C GLY B 86 -8.19 7.96 -14.48
N LEU B 87 -6.93 8.34 -14.32
CA LEU B 87 -6.14 7.98 -13.14
C LEU B 87 -6.69 8.46 -11.79
N MET B 88 -7.29 9.65 -11.77
CA MET B 88 -7.79 10.21 -10.52
C MET B 88 -9.30 10.30 -10.48
N GLN B 89 -9.93 9.70 -11.50
CA GLN B 89 -11.37 9.51 -11.55
C GLN B 89 -12.16 10.80 -11.39
N VAL B 90 -11.65 11.88 -11.98
CA VAL B 90 -12.36 13.15 -12.02
C VAL B 90 -13.50 12.96 -13.01
N GLN B 91 -14.73 13.09 -12.52
CA GLN B 91 -15.93 12.84 -13.33
C GLN B 91 -16.04 13.94 -14.40
N PRO B 92 -16.68 13.62 -15.56
CA PRO B 92 -16.68 14.53 -16.71
C PRO B 92 -17.13 15.97 -16.41
N ASN B 93 -18.22 16.13 -15.64
CA ASN B 93 -18.72 17.46 -15.26
C ASN B 93 -17.77 18.22 -14.34
N THR B 94 -17.03 17.50 -13.52
CA THR B 94 -16.00 18.11 -12.68
C THR B 94 -14.80 18.57 -13.51
N ARG B 95 -14.38 17.76 -14.48
CA ARG B 95 -13.30 18.15 -15.40
C ARG B 95 -13.67 19.43 -16.14
N ASN B 96 -14.89 19.47 -16.69
CA ASN B 96 -15.40 20.65 -17.39
C ASN B 96 -15.39 21.90 -16.51
N ALA B 97 -15.74 21.73 -15.24
CA ALA B 97 -15.80 22.86 -14.30
C ALA B 97 -14.43 23.46 -14.00
N TYR B 98 -13.38 22.67 -14.13
CA TYR B 98 -12.04 23.11 -13.73
C TYR B 98 -11.10 23.41 -14.91
N LEU B 99 -11.64 23.46 -16.12
CA LEU B 99 -10.84 23.70 -17.34
C LEU B 99 -10.07 25.03 -17.34
N SER B 100 -10.72 26.10 -16.87
CA SER B 100 -10.08 27.43 -16.86
C SER B 100 -9.00 27.50 -15.80
N GLN B 101 -9.32 26.98 -14.63
CA GLN B 101 -8.35 26.87 -13.55
C GLN B 101 -7.14 26.04 -13.96
N PHE B 102 -7.37 24.87 -14.58
CA PHE B 102 -6.30 24.04 -15.10
C PHE B 102 -5.41 24.82 -16.07
N SER B 103 -6.03 25.44 -17.08
CA SER B 103 -5.28 26.19 -18.07
C SER B 103 -4.47 27.31 -17.42
N ALA B 104 -5.00 27.93 -16.36
CA ALA B 104 -4.31 29.03 -15.69
C ALA B 104 -3.17 28.53 -14.80
N LYS B 105 -3.39 27.43 -14.09
CA LYS B 105 -2.37 26.83 -13.24
C LYS B 105 -1.21 26.22 -14.04
N TYR B 106 -1.53 25.53 -15.14
CA TYR B 106 -0.49 24.75 -15.84
C TYR B 106 0.04 25.30 -17.17
N GLY B 107 -0.64 26.29 -17.74
CA GLY B 107 -0.16 26.93 -18.94
C GLY B 107 -0.45 26.23 -20.26
N HIS B 108 -1.17 25.11 -20.20
CA HIS B 108 -1.75 24.48 -21.39
C HIS B 108 -3.17 23.97 -21.11
N ALA B 109 -3.96 23.81 -22.17
CA ALA B 109 -5.32 23.27 -22.04
C ALA B 109 -5.34 21.82 -21.56
N TYR B 110 -6.31 21.48 -20.71
CA TYR B 110 -6.45 20.11 -20.25
C TYR B 110 -6.55 19.13 -21.43
N ASN B 111 -5.73 18.10 -21.40
CA ASN B 111 -5.77 17.03 -22.39
C ASN B 111 -6.04 15.73 -21.65
N HIS B 112 -7.29 15.25 -21.75
CA HIS B 112 -7.72 14.06 -21.01
C HIS B 112 -6.99 12.80 -21.46
N SER B 113 -6.45 12.82 -22.67
CA SER B 113 -5.67 11.69 -23.21
C SER B 113 -4.29 11.61 -22.55
N SER B 114 -3.86 12.71 -21.95
CA SER B 114 -2.57 12.71 -21.26
C SER B 114 -2.72 12.32 -19.80
N GLU B 115 -1.96 11.30 -19.39
CA GLU B 115 -2.01 10.83 -18.01
C GLU B 115 -1.40 11.84 -17.04
N GLN B 116 -0.36 12.55 -17.47
CA GLN B 116 0.20 13.61 -16.66
C GLN B 116 -0.89 14.67 -16.37
N ASP B 117 -1.65 15.05 -17.40
CA ASP B 117 -2.72 16.04 -17.26
C ASP B 117 -3.83 15.55 -16.35
N GLN B 118 -4.17 14.26 -16.47
CA GLN B 118 -5.14 13.64 -15.56
C GLN B 118 -4.73 13.86 -14.12
N VAL B 119 -3.44 13.65 -13.84
CA VAL B 119 -2.90 13.78 -12.49
C VAL B 119 -2.80 15.26 -12.11
N TYR B 120 -2.44 16.10 -13.07
CA TYR B 120 -2.44 17.56 -12.84
C TYR B 120 -3.82 18.12 -12.47
N MET B 121 -4.87 17.61 -13.13
CA MET B 121 -6.23 18.09 -12.90
C MET B 121 -6.71 17.65 -11.52
N GLY B 122 -6.62 16.35 -11.23
CA GLY B 122 -7.04 15.83 -9.92
C GLY B 122 -6.29 16.48 -8.77
N SER B 123 -5.00 16.77 -8.99
CA SER B 123 -4.17 17.45 -7.98
C SER B 123 -4.66 18.87 -7.69
N LEU B 124 -5.06 19.58 -8.73
CA LEU B 124 -5.53 20.96 -8.59
C LEU B 124 -6.81 20.98 -7.76
N ILE B 125 -7.73 20.08 -8.10
CA ILE B 125 -9.01 19.96 -7.40
C ILE B 125 -8.82 19.55 -5.94
N LEU B 126 -7.93 18.57 -5.70
CA LEU B 126 -7.67 18.08 -4.35
C LEU B 126 -6.98 19.14 -3.50
N ASN B 127 -5.98 19.81 -4.07
CA ASN B 127 -5.33 20.94 -3.39
C ASN B 127 -6.32 22.01 -2.95
N GLU B 128 -7.22 22.39 -3.87
CA GLU B 128 -8.23 23.39 -3.59
C GLU B 128 -9.12 22.98 -2.41
N LYS B 129 -9.50 21.71 -2.38
CA LYS B 129 -10.32 21.19 -1.30
C LYS B 129 -9.58 21.12 0.04
N ILE B 130 -8.29 20.83 0.00
CA ILE B 130 -7.44 20.81 1.19
C ILE B 130 -7.32 22.20 1.79
N VAL B 131 -7.04 23.20 0.95
CA VAL B 131 -6.95 24.59 1.39
C VAL B 131 -8.29 25.07 1.96
N ARG B 132 -9.37 24.82 1.23
CA ARG B 132 -10.72 25.26 1.62
C ARG B 132 -11.24 24.65 2.93
N PHE B 133 -11.05 23.34 3.10
CA PHE B 133 -11.60 22.63 4.25
C PHE B 133 -10.59 22.42 5.40
N GLY B 134 -9.40 22.98 5.25
CA GLY B 134 -8.45 23.12 6.34
C GLY B 134 -7.65 21.90 6.75
N SER B 135 -7.88 20.76 6.10
CA SER B 135 -7.03 19.59 6.34
C SER B 135 -6.88 18.70 5.12
N ILE B 136 -5.84 17.89 5.14
CA ILE B 136 -5.64 16.85 4.14
C ILE B 136 -6.84 15.91 4.16
N TYR B 137 -7.25 15.52 5.37
CA TYR B 137 -8.38 14.61 5.54
C TYR B 137 -9.68 15.13 4.93
N SER B 138 -10.05 16.36 5.26
CA SER B 138 -11.29 16.94 4.77
C SER B 138 -11.22 17.20 3.26
N GLY B 139 -10.04 17.54 2.77
CA GLY B 139 -9.79 17.70 1.34
C GLY B 139 -10.12 16.41 0.61
N LEU B 140 -9.63 15.30 1.14
CA LEU B 140 -9.91 13.97 0.61
C LEU B 140 -11.42 13.71 0.56
N LEU B 141 -12.10 13.97 1.67
CA LEU B 141 -13.54 13.77 1.80
C LEU B 141 -14.31 14.49 0.71
N HIS B 142 -13.96 15.75 0.49
CA HIS B 142 -14.71 16.58 -0.45
C HIS B 142 -14.22 16.42 -1.88
N TYR B 143 -13.05 15.82 -2.05
CA TYR B 143 -12.60 15.38 -3.37
C TYR B 143 -13.54 14.29 -3.89
N ASN B 144 -13.72 13.24 -3.07
CA ASN B 144 -14.59 12.12 -3.40
C ASN B 144 -16.07 12.49 -3.43
N GLY B 145 -16.50 13.31 -2.47
CA GLY B 145 -17.91 13.62 -2.33
C GLY B 145 -18.38 14.94 -2.92
N GLY B 146 -17.43 15.78 -3.33
CA GLY B 146 -17.74 17.14 -3.73
C GLY B 146 -17.92 18.01 -2.49
N ASP B 147 -18.04 19.31 -2.70
CA ASP B 147 -18.18 20.29 -1.62
C ASP B 147 -19.44 20.06 -0.78
N TYR B 148 -20.51 19.59 -1.42
CA TYR B 148 -21.81 19.52 -0.75
C TYR B 148 -22.27 18.08 -0.50
N TRP B 149 -21.31 17.20 -0.19
CA TRP B 149 -21.58 15.81 0.13
C TRP B 149 -22.38 15.62 1.43
N TYR B 150 -23.27 14.63 1.42
CA TYR B 150 -23.98 14.19 2.60
C TYR B 150 -23.98 12.67 2.61
N PRO B 151 -24.06 12.03 3.81
CA PRO B 151 -24.21 10.57 3.85
C PRO B 151 -25.45 10.13 3.05
N GLY B 152 -25.24 9.19 2.13
CA GLY B 152 -26.32 8.72 1.24
C GLY B 152 -26.24 9.22 -0.20
N ALA B 153 -25.46 10.29 -0.43
CA ALA B 153 -25.32 10.88 -1.75
C ALA B 153 -24.69 9.93 -2.77
N THR B 154 -24.97 10.18 -4.04
CA THR B 154 -24.47 9.36 -5.15
C THR B 154 -23.74 10.19 -6.21
N ASP B 155 -22.86 9.54 -6.98
CA ASP B 155 -22.11 10.23 -8.05
C ASP B 155 -22.88 10.27 -9.38
N SER B 156 -22.18 10.69 -10.44
CA SER B 156 -22.76 10.77 -11.80
C SER B 156 -23.13 9.42 -12.41
N TYR B 157 -22.69 8.34 -11.76
CA TYR B 157 -22.96 7.00 -12.24
C TYR B 157 -24.01 6.30 -11.36
N GLY B 158 -24.55 7.07 -10.41
CA GLY B 158 -25.56 6.57 -9.49
C GLY B 158 -24.99 5.67 -8.40
N ARG B 159 -23.68 5.74 -8.19
CA ARG B 159 -23.03 4.90 -7.18
C ARG B 159 -22.95 5.66 -5.86
N PRO B 160 -23.17 4.96 -4.73
CA PRO B 160 -23.03 5.62 -3.43
C PRO B 160 -21.62 6.17 -3.20
N ILE B 161 -21.53 7.35 -2.60
CA ILE B 161 -20.25 7.95 -2.24
C ILE B 161 -20.05 7.87 -0.72
N LEU B 162 -19.05 7.07 -0.32
CA LEU B 162 -18.71 6.88 1.08
C LEU B 162 -17.53 7.77 1.43
N ALA B 163 -17.74 9.08 1.35
CA ALA B 163 -16.67 10.09 1.39
C ALA B 163 -15.76 9.99 2.62
N ASP B 164 -16.36 9.84 3.80
CA ASP B 164 -15.59 9.73 5.04
C ASP B 164 -14.72 8.48 5.09
N GLN B 165 -15.27 7.36 4.62
CA GLN B 165 -14.52 6.10 4.53
C GLN B 165 -13.36 6.22 3.54
N TYR B 166 -13.67 6.79 2.36
CA TYR B 166 -12.66 7.11 1.37
C TYR B 166 -11.53 7.89 2.04
N ALA B 167 -11.90 8.94 2.76
CA ALA B 167 -10.94 9.80 3.43
C ALA B 167 -10.11 9.05 4.47
N ASN B 168 -10.75 8.19 5.26
CA ASN B 168 -10.05 7.35 6.24
C ASN B 168 -9.03 6.44 5.56
N THR B 169 -9.48 5.72 4.53
CA THR B 169 -8.63 4.80 3.77
C THR B 169 -7.42 5.49 3.14
N VAL B 170 -7.67 6.55 2.37
CA VAL B 170 -6.62 7.23 1.62
C VAL B 170 -5.63 7.91 2.56
N TYR B 171 -6.16 8.55 3.61
CA TYR B 171 -5.34 9.21 4.62
C TYR B 171 -4.40 8.20 5.32
N ALA B 172 -4.96 7.05 5.69
CA ALA B 172 -4.16 5.94 6.25
C ALA B 172 -3.10 5.47 5.26
N GLN B 173 -3.49 5.29 4.00
CA GLN B 173 -2.55 4.89 2.94
C GLN B 173 -1.41 5.92 2.81
N TYR B 174 -1.78 7.20 2.85
CA TYR B 174 -0.84 8.32 2.80
C TYR B 174 0.17 8.28 3.96
N LYS B 175 -0.32 8.02 5.17
CA LYS B 175 0.56 7.91 6.34
C LYS B 175 1.44 6.69 6.24
N SER B 176 0.87 5.60 5.73
CA SER B 176 1.59 4.34 5.48
C SER B 176 2.71 4.50 4.45
N TYR B 177 2.52 5.38 3.47
CA TYR B 177 3.55 5.73 2.49
C TYR B 177 4.63 6.63 3.08
N GLY B 178 4.41 7.09 4.31
CA GLY B 178 5.36 7.95 5.01
C GLY B 178 5.01 9.43 4.98
N GLY B 179 3.75 9.75 4.69
CA GLY B 179 3.28 11.13 4.70
C GLY B 179 3.40 11.73 6.08
N ARG B 180 3.90 12.96 6.16
CA ARG B 180 4.29 13.55 7.43
C ARG B 180 3.50 14.79 7.88
N TYR B 181 2.51 15.20 7.08
CA TYR B 181 1.70 16.38 7.44
C TYR B 181 0.23 16.02 7.63
N SER B 182 -0.57 17.04 7.99
CA SER B 182 -2.00 16.87 8.17
C SER B 182 -2.79 18.09 7.69
N ARG B 183 -2.05 19.12 7.26
CA ARG B 183 -2.65 20.39 6.84
C ARG B 183 -2.31 20.72 5.39
N VAL C 32 26.70 -3.39 17.81
CA VAL C 32 25.22 -3.48 17.98
C VAL C 32 24.53 -2.40 17.16
N THR C 33 23.53 -2.78 16.38
CA THR C 33 22.81 -1.83 15.54
C THR C 33 21.33 -1.80 15.91
N LYS C 34 20.70 -0.63 15.75
CA LYS C 34 19.27 -0.45 16.06
C LYS C 34 18.39 -1.32 15.15
N PRO C 35 17.47 -2.09 15.75
CA PRO C 35 16.51 -2.80 14.90
C PRO C 35 15.63 -1.82 14.14
N ALA C 36 15.37 -2.10 12.87
CA ALA C 36 14.58 -1.22 12.00
C ALA C 36 13.31 -0.66 12.65
N GLU C 37 12.57 -1.53 13.35
CA GLU C 37 11.25 -1.20 13.91
C GLU C 37 11.27 -0.39 15.22
N VAL C 38 12.44 -0.30 15.87
CA VAL C 38 12.59 0.49 17.09
C VAL C 38 12.77 1.96 16.71
N PRO C 39 11.86 2.83 17.17
CA PRO C 39 11.94 4.27 16.88
C PRO C 39 13.25 4.90 17.39
N SER C 40 13.82 5.80 16.59
CA SER C 40 15.11 6.45 16.90
C SER C 40 15.20 7.00 18.32
N ARG C 41 14.16 7.70 18.78
CA ARG C 41 14.17 8.31 20.12
C ARG C 41 14.19 7.26 21.25
N ILE C 42 13.56 6.11 21.03
CA ILE C 42 13.59 5.04 22.05
C ILE C 42 15.00 4.45 22.10
N TRP C 43 15.62 4.32 20.93
CA TRP C 43 16.98 3.80 20.84
C TRP C 43 17.94 4.68 21.63
N THR C 44 17.76 6.00 21.51
CA THR C 44 18.51 6.96 22.30
C THR C 44 18.37 6.72 23.81
N TYR C 45 17.14 6.48 24.26
CA TYR C 45 16.86 6.25 25.67
C TYR C 45 17.54 4.99 26.19
N VAL C 46 17.41 3.89 25.44
CA VAL C 46 17.88 2.59 25.91
C VAL C 46 19.40 2.46 25.78
N MET C 47 19.98 3.17 24.81
CA MET C 47 21.43 3.18 24.68
C MET C 47 22.10 3.95 25.82
N ASN C 48 21.51 5.08 26.21
CA ASN C 48 21.99 5.83 27.39
C ASN C 48 21.88 4.99 28.68
N ALA C 49 20.80 4.22 28.79
CA ALA C 49 20.61 3.28 29.91
C ALA C 49 21.62 2.13 29.87
N ASP C 50 21.78 1.54 28.69
CA ASP C 50 22.76 0.48 28.45
C ASP C 50 24.15 0.97 28.86
N ASN C 51 24.53 2.14 28.34
CA ASN C 51 25.84 2.73 28.65
C ASN C 51 26.04 3.04 30.13
N ALA C 52 24.95 3.35 30.83
CA ALA C 52 24.98 3.57 32.27
C ALA C 52 25.47 2.33 33.03
N TYR C 53 25.35 1.16 32.41
CA TYR C 53 25.79 -0.09 33.03
C TYR C 53 26.93 -0.79 32.27
N GLY C 54 27.51 -0.09 31.30
CA GLY C 54 28.64 -0.60 30.52
C GLY C 54 28.36 -1.92 29.83
N LYS C 55 27.18 -2.02 29.22
CA LYS C 55 26.69 -3.28 28.67
C LYS C 55 26.96 -3.45 27.17
N GLY C 56 27.67 -2.49 26.57
CA GLY C 56 28.11 -2.59 25.18
C GLY C 56 27.02 -2.67 24.13
N GLY C 57 25.85 -2.10 24.44
CA GLY C 57 24.74 -2.10 23.50
C GLY C 57 23.81 -3.31 23.61
N ASP C 58 24.27 -4.38 24.26
CA ASP C 58 23.44 -5.58 24.41
C ASP C 58 22.21 -5.41 25.29
N PHE C 59 22.34 -4.64 26.36
CA PHE C 59 21.22 -4.37 27.26
C PHE C 59 20.16 -3.53 26.54
N ALA C 60 20.63 -2.64 25.65
CA ALA C 60 19.74 -1.82 24.80
C ALA C 60 18.78 -2.67 23.94
N LEU C 61 19.30 -3.76 23.40
CA LEU C 61 18.49 -4.72 22.63
C LEU C 61 17.40 -5.36 23.50
N LEU C 62 17.77 -5.70 24.73
CA LEU C 62 16.83 -6.25 25.71
C LEU C 62 15.79 -5.24 26.17
N LEU C 63 16.25 -4.03 26.46
CA LEU C 63 15.39 -2.92 26.86
C LEU C 63 14.40 -2.58 25.74
N SER C 64 14.90 -2.56 24.50
CA SER C 64 14.05 -2.35 23.32
C SER C 64 12.92 -3.40 23.23
N ALA C 65 13.23 -4.65 23.56
CA ALA C 65 12.24 -5.74 23.59
C ALA C 65 11.22 -5.55 24.71
N VAL C 66 11.69 -5.10 25.87
CA VAL C 66 10.78 -4.85 27.00
C VAL C 66 9.78 -3.75 26.62
N ILE C 67 10.29 -2.63 26.11
CA ILE C 67 9.47 -1.47 25.77
C ILE C 67 8.46 -1.84 24.67
N LYS C 68 8.91 -2.63 23.70
CA LYS C 68 8.01 -3.14 22.66
C LYS C 68 6.84 -3.87 23.28
N LYS C 69 7.13 -4.78 24.21
CA LYS C 69 6.10 -5.58 24.90
C LYS C 69 5.20 -4.73 25.82
N GLU C 70 5.81 -3.85 26.61
CA GLU C 70 5.10 -3.13 27.67
C GLU C 70 4.16 -2.04 27.15
N SER C 71 4.65 -1.23 26.22
CA SER C 71 3.96 -0.02 25.79
C SER C 71 3.95 0.21 24.27
N TYR C 72 4.45 -0.76 23.51
CA TYR C 72 4.83 -0.54 22.10
C TYR C 72 5.42 0.86 21.87
N PHE C 73 6.57 1.09 22.49
CA PHE C 73 7.30 2.36 22.37
C PHE C 73 6.46 3.59 22.74
N GLY C 74 5.54 3.40 23.68
CA GLY C 74 4.66 4.47 24.16
C GLY C 74 3.40 4.69 23.34
N ASP C 75 3.26 3.95 22.23
CA ASP C 75 2.13 4.13 21.32
C ASP C 75 0.98 3.16 21.55
N GLY C 76 1.22 2.14 22.38
CA GLY C 76 0.23 1.09 22.58
C GLY C 76 -0.35 1.07 23.98
N LEU C 77 -0.72 2.25 24.49
CA LEU C 77 -1.23 2.36 25.86
C LEU C 77 -2.64 2.97 25.98
N SER C 78 -3.22 3.40 24.87
CA SER C 78 -4.49 4.14 24.92
C SER C 78 -5.63 3.35 25.56
N GLY C 79 -6.25 3.97 26.56
CA GLY C 79 -7.33 3.34 27.32
C GLY C 79 -6.86 2.38 28.41
N SER C 80 -5.57 2.06 28.42
CA SER C 80 -5.03 1.16 29.45
C SER C 80 -5.16 1.76 30.84
N PRO C 81 -5.56 0.94 31.82
CA PRO C 81 -5.58 1.43 33.20
C PRO C 81 -4.17 1.77 33.71
N SER C 82 -3.15 1.28 33.00
CA SER C 82 -1.76 1.58 33.35
C SER C 82 -1.09 2.54 32.36
N ALA C 83 -1.89 3.27 31.60
CA ALA C 83 -1.41 4.24 30.61
C ALA C 83 -0.43 5.27 31.18
N GLY C 84 -0.54 5.57 32.47
CA GLY C 84 0.31 6.56 33.13
C GLY C 84 1.61 6.01 33.69
N ASP C 85 1.87 4.71 33.48
CA ASP C 85 3.06 4.07 34.04
C ASP C 85 4.30 4.14 33.15
N GLY C 86 4.18 4.84 32.02
CA GLY C 86 5.34 5.12 31.18
C GLY C 86 5.80 3.98 30.29
N LEU C 87 6.89 4.24 29.59
CA LEU C 87 7.41 3.36 28.54
C LEU C 87 7.70 1.93 28.97
N MET C 88 8.13 1.76 30.21
CA MET C 88 8.51 0.43 30.70
C MET C 88 7.48 -0.10 31.69
N GLN C 89 6.39 0.63 31.84
CA GLN C 89 5.21 0.19 32.59
C GLN C 89 5.53 -0.22 34.03
N VAL C 90 6.46 0.50 34.65
CA VAL C 90 6.76 0.30 36.06
C VAL C 90 5.62 0.92 36.87
N GLN C 91 4.95 0.08 37.65
CA GLN C 91 3.77 0.50 38.40
C GLN C 91 4.18 1.40 39.57
N PRO C 92 3.28 2.31 40.02
CA PRO C 92 3.65 3.39 40.95
C PRO C 92 4.34 2.95 42.25
N ASN C 93 3.84 1.88 42.88
CA ASN C 93 4.45 1.35 44.10
C ASN C 93 5.88 0.82 43.93
N THR C 94 6.17 0.28 42.75
CA THR C 94 7.53 -0.16 42.41
C THR C 94 8.45 1.04 42.15
N ARG C 95 7.98 2.01 41.38
CA ARG C 95 8.74 3.26 41.14
C ARG C 95 9.15 3.88 42.48
N ASN C 96 8.17 4.00 43.38
CA ASN C 96 8.38 4.57 44.71
C ASN C 96 9.45 3.84 45.53
N ALA C 97 9.44 2.51 45.47
CA ALA C 97 10.39 1.70 46.24
C ALA C 97 11.84 1.86 45.74
N TYR C 98 12.01 2.28 44.49
CA TYR C 98 13.33 2.41 43.88
C TYR C 98 13.85 3.84 43.77
N LEU C 99 13.11 4.79 44.35
CA LEU C 99 13.47 6.20 44.27
C LEU C 99 14.85 6.52 44.82
N SER C 100 15.19 5.97 45.98
CA SER C 100 16.50 6.22 46.58
C SER C 100 17.63 5.58 45.77
N GLN C 101 17.37 4.40 45.21
CA GLN C 101 18.32 3.72 44.34
C GLN C 101 18.54 4.47 43.02
N PHE C 102 17.45 4.93 42.40
CA PHE C 102 17.52 5.72 41.17
C PHE C 102 18.38 6.94 41.43
N SER C 103 18.07 7.64 42.53
CA SER C 103 18.75 8.85 42.92
C SER C 103 20.26 8.62 43.07
N ALA C 104 20.62 7.60 43.83
CA ALA C 104 22.03 7.26 44.07
C ALA C 104 22.77 6.87 42.79
N LYS C 105 22.09 6.13 41.92
CA LYS C 105 22.67 5.68 40.66
C LYS C 105 22.85 6.80 39.61
N TYR C 106 21.79 7.58 39.37
CA TYR C 106 21.79 8.54 38.28
C TYR C 106 22.11 10.00 38.68
N GLY C 107 22.20 10.25 39.97
CA GLY C 107 22.62 11.56 40.48
C GLY C 107 21.56 12.65 40.47
N HIS C 108 20.32 12.29 40.13
CA HIS C 108 19.20 13.21 40.23
C HIS C 108 17.93 12.47 40.63
N ALA C 109 16.93 13.22 41.10
CA ALA C 109 15.65 12.64 41.49
C ALA C 109 14.89 12.14 40.26
N TYR C 110 14.12 11.06 40.44
CA TYR C 110 13.33 10.49 39.36
C TYR C 110 12.24 11.44 38.90
N ASN C 111 12.21 11.72 37.61
CA ASN C 111 11.16 12.52 37.01
C ASN C 111 10.29 11.66 36.09
N HIS C 112 9.15 11.21 36.62
CA HIS C 112 8.23 10.35 35.88
C HIS C 112 7.67 11.00 34.61
N SER C 113 7.81 12.33 34.48
CA SER C 113 7.38 13.04 33.27
C SER C 113 8.40 12.89 32.14
N SER C 114 9.63 12.56 32.51
CA SER C 114 10.70 12.35 31.55
C SER C 114 10.73 10.91 31.05
N GLU C 115 10.61 10.75 29.72
CA GLU C 115 10.71 9.43 29.09
C GLU C 115 12.08 8.79 29.30
N GLN C 116 13.13 9.60 29.22
CA GLN C 116 14.48 9.11 29.48
C GLN C 116 14.61 8.58 30.92
N ASP C 117 14.06 9.34 31.88
CA ASP C 117 14.04 8.89 33.26
C ASP C 117 13.26 7.59 33.45
N GLN C 118 12.12 7.46 32.76
CA GLN C 118 11.29 6.25 32.80
C GLN C 118 12.09 5.02 32.41
N VAL C 119 12.80 5.13 31.30
CA VAL C 119 13.69 4.09 30.80
C VAL C 119 14.84 3.83 31.79
N TYR C 120 15.42 4.89 32.34
CA TYR C 120 16.49 4.76 33.35
C TYR C 120 16.02 3.97 34.58
N MET C 121 14.78 4.24 34.99
CA MET C 121 14.17 3.58 36.14
C MET C 121 13.93 2.10 35.85
N GLY C 122 13.18 1.82 34.78
CA GLY C 122 12.96 0.45 34.32
C GLY C 122 14.24 -0.36 34.10
N SER C 123 15.23 0.25 33.46
CA SER C 123 16.55 -0.40 33.29
C SER C 123 17.22 -0.72 34.62
N LEU C 124 17.10 0.19 35.60
CA LEU C 124 17.72 -0.01 36.91
C LEU C 124 17.12 -1.22 37.61
N ILE C 125 15.78 -1.30 37.59
CA ILE C 125 15.05 -2.41 38.19
C ILE C 125 15.37 -3.73 37.48
N LEU C 126 15.29 -3.73 36.15
CA LEU C 126 15.57 -4.93 35.37
C LEU C 126 17.00 -5.41 35.58
N ASN C 127 17.97 -4.51 35.45
CA ASN C 127 19.36 -4.85 35.74
C ASN C 127 19.53 -5.44 37.14
N GLU C 128 18.90 -4.80 38.11
CA GLU C 128 18.98 -5.19 39.51
C GLU C 128 18.48 -6.63 39.70
N LYS C 129 17.42 -6.98 38.97
CA LYS C 129 16.86 -8.31 39.06
C LYS C 129 17.68 -9.35 38.30
N ILE C 130 18.23 -8.96 37.16
CA ILE C 130 19.13 -9.82 36.40
C ILE C 130 20.37 -10.20 37.24
N VAL C 131 20.92 -9.23 37.98
CA VAL C 131 22.09 -9.45 38.83
C VAL C 131 21.74 -10.26 40.09
N ARG C 132 20.64 -9.89 40.75
CA ARG C 132 20.21 -10.54 41.99
C ARG C 132 19.75 -11.98 41.78
N PHE C 133 19.00 -12.23 40.71
CA PHE C 133 18.53 -13.58 40.38
C PHE C 133 19.49 -14.38 39.51
N GLY C 134 20.46 -13.68 38.89
CA GLY C 134 21.59 -14.35 38.23
C GLY C 134 21.45 -14.74 36.77
N SER C 135 20.32 -14.37 36.15
CA SER C 135 20.12 -14.61 34.71
C SER C 135 19.21 -13.57 34.08
N ILE C 136 19.21 -13.52 32.74
CA ILE C 136 18.33 -12.61 32.01
C ILE C 136 16.88 -13.07 32.10
N TYR C 137 16.66 -14.38 31.96
CA TYR C 137 15.30 -14.92 32.00
C TYR C 137 14.64 -14.70 33.35
N SER C 138 15.32 -15.08 34.42
CA SER C 138 14.81 -14.91 35.78
C SER C 138 14.60 -13.43 36.07
N GLY C 139 15.57 -12.61 35.64
CA GLY C 139 15.45 -11.16 35.69
C GLY C 139 14.15 -10.66 35.10
N LEU C 140 13.85 -11.07 33.87
CA LEU C 140 12.62 -10.66 33.17
C LEU C 140 11.36 -11.15 33.88
N LEU C 141 11.38 -12.42 34.27
CA LEU C 141 10.23 -13.03 34.94
C LEU C 141 9.86 -12.23 36.18
N HIS C 142 10.86 -11.85 36.96
CA HIS C 142 10.64 -11.16 38.22
C HIS C 142 10.50 -9.65 38.07
N TYR C 143 10.93 -9.10 36.95
CA TYR C 143 10.63 -7.71 36.61
C TYR C 143 9.12 -7.60 36.44
N ASN C 144 8.55 -8.50 35.64
CA ASN C 144 7.13 -8.46 35.34
C ASN C 144 6.26 -8.96 36.50
N GLY C 145 6.75 -9.90 37.28
CA GLY C 145 5.93 -10.51 38.33
C GLY C 145 6.29 -10.12 39.77
N GLY C 146 7.40 -9.41 39.94
CA GLY C 146 7.93 -9.16 41.28
C GLY C 146 8.72 -10.37 41.75
N ASP C 147 9.45 -10.22 42.85
CA ASP C 147 10.32 -11.30 43.33
C ASP C 147 9.56 -12.52 43.83
N TYR C 148 8.28 -12.33 44.14
CA TYR C 148 7.51 -13.36 44.81
C TYR C 148 6.30 -13.81 43.98
N TRP C 149 6.48 -13.77 42.66
CA TRP C 149 5.46 -14.18 41.70
C TRP C 149 5.10 -15.66 41.82
N TYR C 150 3.85 -15.97 41.53
CA TYR C 150 3.38 -17.34 41.43
C TYR C 150 2.32 -17.35 40.33
N PRO C 151 2.07 -18.52 39.71
CA PRO C 151 0.99 -18.61 38.73
C PRO C 151 -0.36 -18.20 39.32
N GLY C 152 -0.95 -17.14 38.78
CA GLY C 152 -2.23 -16.65 39.26
C GLY C 152 -2.13 -15.28 39.93
N ALA C 153 -0.90 -14.85 40.21
CA ALA C 153 -0.68 -13.54 40.87
C ALA C 153 -1.23 -12.40 40.03
N THR C 154 -1.60 -11.30 40.70
CA THR C 154 -2.16 -10.13 40.03
C THR C 154 -1.34 -8.86 40.31
N ASP C 155 -1.39 -7.91 39.38
CA ASP C 155 -0.71 -6.63 39.51
C ASP C 155 -1.54 -5.56 40.26
N SER C 156 -1.02 -4.34 40.32
CA SER C 156 -1.67 -3.21 41.01
C SER C 156 -3.07 -2.85 40.47
N TYR C 157 -3.44 -3.41 39.32
CA TYR C 157 -4.76 -3.11 38.73
C TYR C 157 -5.65 -4.35 38.65
N GLY C 158 -5.30 -5.39 39.43
CA GLY C 158 -6.04 -6.64 39.45
C GLY C 158 -5.91 -7.51 38.20
N ARG C 159 -4.99 -7.14 37.32
CA ARG C 159 -4.77 -7.88 36.07
C ARG C 159 -3.87 -9.10 36.32
N PRO C 160 -4.17 -10.23 35.66
CA PRO C 160 -3.33 -11.42 35.81
C PRO C 160 -1.91 -11.19 35.29
N ILE C 161 -0.92 -11.69 36.02
CA ILE C 161 0.46 -11.58 35.58
C ILE C 161 0.94 -12.91 35.02
N LEU C 162 1.13 -12.95 33.71
CA LEU C 162 1.64 -14.13 33.02
C LEU C 162 3.17 -14.02 32.89
N ALA C 163 3.86 -14.06 34.02
CA ALA C 163 5.29 -13.71 34.07
C ALA C 163 6.18 -14.64 33.25
N ASP C 164 5.89 -15.94 33.28
CA ASP C 164 6.63 -16.91 32.48
C ASP C 164 6.48 -16.62 30.99
N GLN C 165 5.25 -16.34 30.57
CA GLN C 165 4.96 -15.99 29.19
C GLN C 165 5.65 -14.70 28.78
N TYR C 166 5.59 -13.69 29.64
CA TYR C 166 6.32 -12.44 29.44
C TYR C 166 7.81 -12.72 29.27
N ALA C 167 8.39 -13.50 30.18
CA ALA C 167 9.83 -13.82 30.12
C ALA C 167 10.17 -14.57 28.83
N ASN C 168 9.34 -15.55 28.44
CA ASN C 168 9.50 -16.24 27.16
C ASN C 168 9.51 -15.26 25.98
N THR C 169 8.46 -14.45 25.89
CA THR C 169 8.22 -13.54 24.76
C THR C 169 9.27 -12.42 24.64
N VAL C 170 9.65 -11.83 25.76
CA VAL C 170 10.67 -10.79 25.74
C VAL C 170 12.05 -11.37 25.41
N TYR C 171 12.36 -12.55 25.96
CA TYR C 171 13.64 -13.20 25.66
C TYR C 171 13.74 -13.51 24.16
N ALA C 172 12.66 -14.05 23.61
CA ALA C 172 12.60 -14.39 22.18
C ALA C 172 12.80 -13.15 21.31
N GLN C 173 12.15 -12.05 21.71
CA GLN C 173 12.30 -10.78 21.02
C GLN C 173 13.73 -10.26 21.13
N TYR C 174 14.30 -10.36 22.32
CA TYR C 174 15.69 -9.99 22.58
C TYR C 174 16.66 -10.73 21.65
N LYS C 175 16.50 -12.05 21.56
CA LYS C 175 17.32 -12.88 20.67
C LYS C 175 17.11 -12.50 19.21
N SER C 176 15.84 -12.35 18.83
CA SER C 176 15.46 -11.93 17.50
C SER C 176 16.12 -10.60 17.14
N TYR C 177 16.29 -9.72 18.13
CA TYR C 177 16.96 -8.44 17.94
C TYR C 177 18.49 -8.56 17.80
N GLY C 178 19.03 -9.74 18.13
CA GLY C 178 20.47 -9.97 18.06
C GLY C 178 21.12 -10.12 19.42
N GLY C 179 20.30 -10.27 20.45
CA GLY C 179 20.78 -10.47 21.81
C GLY C 179 21.74 -11.65 21.91
N ARG C 180 22.78 -11.49 22.73
CA ARG C 180 23.92 -12.42 22.73
C ARG C 180 24.14 -13.18 24.03
N TYR C 181 23.62 -12.67 25.15
CA TYR C 181 23.92 -13.24 26.48
C TYR C 181 22.76 -13.95 27.17
N SER C 182 23.05 -14.47 28.37
CA SER C 182 22.06 -15.16 29.20
C SER C 182 22.20 -14.75 30.68
N THR D 31 17.02 -8.23 -26.41
CA THR D 31 17.79 -8.20 -27.68
C THR D 31 17.78 -6.79 -28.28
N VAL D 32 16.60 -6.17 -28.32
CA VAL D 32 16.42 -4.82 -28.85
C VAL D 32 16.64 -3.79 -27.73
N THR D 33 17.37 -2.72 -28.06
CA THR D 33 17.71 -1.67 -27.11
C THR D 33 16.87 -0.40 -27.31
N LYS D 34 16.48 0.24 -26.21
CA LYS D 34 15.68 1.45 -26.26
C LYS D 34 16.45 2.63 -26.85
N PRO D 35 15.87 3.28 -27.88
CA PRO D 35 16.47 4.53 -28.36
C PRO D 35 16.47 5.58 -27.24
N ALA D 36 17.59 6.30 -27.12
CA ALA D 36 17.81 7.26 -26.03
C ALA D 36 16.73 8.31 -25.88
N GLU D 37 16.27 8.89 -26.98
CA GLU D 37 15.29 9.97 -26.94
C GLU D 37 13.87 9.50 -26.57
N VAL D 38 13.64 8.19 -26.57
CA VAL D 38 12.31 7.65 -26.26
C VAL D 38 12.12 7.57 -24.74
N PRO D 39 11.16 8.33 -24.18
CA PRO D 39 10.94 8.28 -22.73
C PRO D 39 10.63 6.86 -22.23
N SER D 40 11.16 6.52 -21.04
CA SER D 40 10.98 5.19 -20.46
C SER D 40 9.53 4.71 -20.48
N ARG D 41 8.61 5.59 -20.09
CA ARG D 41 7.22 5.20 -19.97
C ARG D 41 6.67 4.80 -21.35
N ILE D 42 7.09 5.53 -22.39
CA ILE D 42 6.70 5.24 -23.78
C ILE D 42 7.31 3.91 -24.26
N TRP D 43 8.59 3.68 -23.95
CA TRP D 43 9.23 2.40 -24.28
C TRP D 43 8.49 1.21 -23.69
N THR D 44 8.00 1.35 -22.46
CA THR D 44 7.21 0.29 -21.84
C THR D 44 5.92 0.03 -22.62
N TYR D 45 5.21 1.10 -22.99
CA TYR D 45 3.96 0.93 -23.73
C TYR D 45 4.19 0.16 -25.03
N VAL D 46 5.23 0.57 -25.78
CA VAL D 46 5.49 -0.03 -27.09
C VAL D 46 6.02 -1.48 -26.99
N MET D 47 6.84 -1.75 -25.98
CA MET D 47 7.30 -3.11 -25.72
C MET D 47 6.13 -4.05 -25.35
N ASN D 48 5.20 -3.55 -24.53
CA ASN D 48 3.95 -4.27 -24.26
C ASN D 48 3.17 -4.58 -25.53
N ALA D 49 3.06 -3.61 -26.44
CA ALA D 49 2.38 -3.81 -27.71
C ALA D 49 3.14 -4.82 -28.56
N ASP D 50 4.46 -4.62 -28.63
CA ASP D 50 5.36 -5.54 -29.31
C ASP D 50 5.13 -6.99 -28.84
N ASN D 51 5.13 -7.20 -27.52
CA ASN D 51 4.86 -8.51 -26.93
C ASN D 51 3.54 -9.11 -27.38
N ALA D 52 2.50 -8.27 -27.43
CA ALA D 52 1.16 -8.72 -27.86
C ALA D 52 1.14 -9.23 -29.30
N TYR D 53 2.13 -8.83 -30.10
CA TYR D 53 2.20 -9.29 -31.49
C TYR D 53 3.38 -10.23 -31.75
N GLY D 54 4.11 -10.58 -30.68
CA GLY D 54 5.28 -11.46 -30.77
C GLY D 54 6.31 -10.99 -31.78
N LYS D 55 6.72 -9.74 -31.67
CA LYS D 55 7.54 -9.11 -32.71
C LYS D 55 9.02 -8.90 -32.35
N GLY D 56 9.45 -9.51 -31.24
CA GLY D 56 10.87 -9.51 -30.86
C GLY D 56 11.54 -8.19 -30.55
N GLY D 57 10.73 -7.14 -30.33
CA GLY D 57 11.26 -5.81 -30.07
C GLY D 57 11.31 -4.90 -31.29
N ASP D 58 11.21 -5.48 -32.48
CA ASP D 58 11.31 -4.69 -33.72
C ASP D 58 10.10 -3.77 -33.95
N PHE D 59 8.90 -4.26 -33.61
CA PHE D 59 7.67 -3.47 -33.76
C PHE D 59 7.70 -2.26 -32.83
N ALA D 60 8.27 -2.46 -31.64
CA ALA D 60 8.51 -1.38 -30.66
C ALA D 60 9.31 -0.21 -31.23
N LEU D 61 10.30 -0.51 -32.06
CA LEU D 61 11.09 0.54 -32.72
C LEU D 61 10.22 1.31 -33.74
N LEU D 62 9.37 0.58 -34.46
CA LEU D 62 8.50 1.22 -35.44
C LEU D 62 7.48 2.11 -34.75
N LEU D 63 6.90 1.60 -33.67
CA LEU D 63 5.95 2.35 -32.86
C LEU D 63 6.54 3.60 -32.25
N SER D 64 7.79 3.48 -31.74
CA SER D 64 8.52 4.63 -31.23
C SER D 64 8.66 5.71 -32.29
N ALA D 65 8.96 5.30 -33.52
CA ALA D 65 9.07 6.26 -34.62
C ALA D 65 7.71 6.87 -34.96
N VAL D 66 6.65 6.05 -34.92
CA VAL D 66 5.29 6.56 -35.15
C VAL D 66 4.89 7.59 -34.08
N ILE D 67 5.07 7.21 -32.82
CA ILE D 67 4.76 8.09 -31.71
C ILE D 67 5.56 9.41 -31.77
N LYS D 68 6.85 9.30 -32.07
CA LYS D 68 7.66 10.49 -32.31
C LYS D 68 6.98 11.45 -33.29
N LYS D 69 6.64 10.94 -34.47
CA LYS D 69 6.00 11.74 -35.50
C LYS D 69 4.62 12.26 -35.10
N GLU D 70 3.82 11.40 -34.45
CA GLU D 70 2.42 11.69 -34.17
C GLU D 70 2.22 12.71 -33.03
N SER D 71 2.99 12.55 -31.95
CA SER D 71 2.74 13.29 -30.72
C SER D 71 4.01 13.75 -30.02
N TYR D 72 5.15 13.52 -30.67
CA TYR D 72 6.46 13.70 -30.05
C TYR D 72 6.49 13.18 -28.61
N PHE D 73 6.03 11.93 -28.45
CA PHE D 73 6.04 11.20 -27.16
C PHE D 73 5.07 11.75 -26.11
N GLY D 74 4.12 12.56 -26.54
CA GLY D 74 3.18 13.21 -25.64
C GLY D 74 3.49 14.68 -25.45
N ASP D 75 4.73 15.07 -25.76
CA ASP D 75 5.19 16.45 -25.61
C ASP D 75 4.84 17.36 -26.78
N GLY D 76 4.28 16.79 -27.85
CA GLY D 76 3.95 17.57 -29.04
C GLY D 76 2.46 17.66 -29.29
N LEU D 77 1.67 17.51 -28.23
CA LEU D 77 0.22 17.47 -28.36
C LEU D 77 -0.46 18.84 -28.21
N SER D 78 -0.02 19.63 -27.24
CA SER D 78 -0.74 20.85 -26.89
C SER D 78 -0.63 21.91 -28.00
N GLY D 79 -1.71 22.66 -28.18
CA GLY D 79 -1.81 23.66 -29.24
C GLY D 79 -2.30 23.10 -30.57
N SER D 80 -2.46 21.79 -30.64
CA SER D 80 -2.99 21.17 -31.86
C SER D 80 -4.47 20.87 -31.69
N PRO D 81 -5.27 21.12 -32.75
CA PRO D 81 -6.67 20.71 -32.76
C PRO D 81 -6.85 19.21 -32.47
N SER D 82 -5.81 18.41 -32.71
CA SER D 82 -5.90 16.96 -32.52
C SER D 82 -5.26 16.49 -31.22
N ALA D 83 -4.96 17.42 -30.32
CA ALA D 83 -4.32 17.08 -29.03
C ALA D 83 -5.00 15.90 -28.32
N GLY D 84 -6.34 15.94 -28.29
CA GLY D 84 -7.13 14.95 -27.56
C GLY D 84 -7.10 13.54 -28.12
N ASP D 85 -6.52 13.37 -29.31
CA ASP D 85 -6.43 12.06 -29.93
C ASP D 85 -5.30 11.20 -29.37
N GLY D 86 -4.42 11.80 -28.57
CA GLY D 86 -3.46 11.01 -27.81
C GLY D 86 -2.22 10.59 -28.55
N LEU D 87 -1.49 9.64 -27.96
CA LEU D 87 -0.11 9.31 -28.33
C LEU D 87 0.12 8.87 -29.79
N MET D 88 -0.84 8.16 -30.37
CA MET D 88 -0.71 7.67 -31.74
C MET D 88 -1.69 8.37 -32.69
N GLN D 89 -2.35 9.40 -32.16
CA GLN D 89 -3.21 10.31 -32.93
C GLN D 89 -4.32 9.61 -33.69
N VAL D 90 -4.84 8.52 -33.15
CA VAL D 90 -5.98 7.84 -33.75
C VAL D 90 -7.19 8.73 -33.58
N GLN D 91 -7.73 9.20 -34.71
CA GLN D 91 -8.91 10.06 -34.73
C GLN D 91 -10.14 9.35 -34.16
N PRO D 92 -11.12 10.12 -33.62
CA PRO D 92 -12.32 9.53 -32.98
C PRO D 92 -13.09 8.54 -33.85
N ASN D 93 -13.35 8.90 -35.10
CA ASN D 93 -14.02 7.99 -36.04
C ASN D 93 -13.23 6.68 -36.27
N THR D 94 -11.91 6.78 -36.26
CA THR D 94 -11.06 5.60 -36.47
C THR D 94 -11.03 4.71 -35.22
N ARG D 95 -10.81 5.33 -34.06
CA ARG D 95 -10.93 4.65 -32.77
C ARG D 95 -12.22 3.84 -32.70
N ASN D 96 -13.35 4.50 -33.01
CA ASN D 96 -14.66 3.84 -33.02
C ASN D 96 -14.71 2.61 -33.93
N ALA D 97 -14.14 2.73 -35.13
CA ALA D 97 -14.16 1.65 -36.13
C ALA D 97 -13.44 0.39 -35.67
N TYR D 98 -12.49 0.53 -34.75
CA TYR D 98 -11.67 -0.60 -34.32
C TYR D 98 -11.96 -1.07 -32.91
N LEU D 99 -12.99 -0.51 -32.27
CA LEU D 99 -13.36 -0.86 -30.89
C LEU D 99 -13.56 -2.36 -30.66
N SER D 100 -14.30 -3.01 -31.54
CA SER D 100 -14.59 -4.44 -31.37
C SER D 100 -13.34 -5.30 -31.57
N GLN D 101 -12.53 -4.92 -32.56
CA GLN D 101 -11.23 -5.56 -32.80
C GLN D 101 -10.27 -5.38 -31.62
N PHE D 102 -10.35 -4.21 -30.97
CA PHE D 102 -9.54 -3.94 -29.78
C PHE D 102 -9.89 -4.89 -28.64
N SER D 103 -11.18 -4.98 -28.31
CA SER D 103 -11.60 -5.83 -27.19
C SER D 103 -11.33 -7.31 -27.49
N ALA D 104 -11.50 -7.70 -28.74
CA ALA D 104 -11.18 -9.05 -29.19
C ALA D 104 -9.70 -9.39 -29.00
N LYS D 105 -8.82 -8.45 -29.36
CA LYS D 105 -7.37 -8.66 -29.28
C LYS D 105 -6.83 -8.62 -27.86
N TYR D 106 -7.29 -7.66 -27.07
CA TYR D 106 -6.67 -7.36 -25.78
C TYR D 106 -7.43 -7.85 -24.55
N GLY D 107 -8.73 -8.10 -24.69
CA GLY D 107 -9.53 -8.66 -23.61
C GLY D 107 -10.17 -7.66 -22.65
N HIS D 108 -10.08 -6.37 -22.98
CA HIS D 108 -10.81 -5.32 -22.27
C HIS D 108 -11.27 -4.26 -23.27
N ALA D 109 -12.26 -3.46 -22.87
CA ALA D 109 -12.74 -2.38 -23.72
C ALA D 109 -11.71 -1.25 -23.81
N TYR D 110 -11.62 -0.62 -24.98
CA TYR D 110 -10.72 0.50 -25.17
C TYR D 110 -11.02 1.64 -24.18
N ASN D 111 -9.98 2.08 -23.48
CA ASN D 111 -10.08 3.21 -22.57
C ASN D 111 -9.12 4.32 -23.05
N HIS D 112 -9.69 5.35 -23.70
CA HIS D 112 -8.90 6.44 -24.26
C HIS D 112 -8.07 7.22 -23.25
N SER D 113 -8.45 7.15 -21.97
CA SER D 113 -7.72 7.83 -20.90
C SER D 113 -6.44 7.07 -20.57
N SER D 114 -6.39 5.80 -20.99
CA SER D 114 -5.18 4.99 -20.79
C SER D 114 -4.19 5.16 -21.95
N GLU D 115 -2.99 5.64 -21.64
CA GLU D 115 -1.92 5.81 -22.64
C GLU D 115 -1.46 4.47 -23.23
N GLN D 116 -1.43 3.44 -22.38
CA GLN D 116 -1.15 2.07 -22.85
C GLN D 116 -2.18 1.60 -23.86
N ASP D 117 -3.46 1.85 -23.56
CA ASP D 117 -4.53 1.54 -24.51
C ASP D 117 -4.39 2.33 -25.81
N GLN D 118 -4.01 3.60 -25.71
CA GLN D 118 -3.78 4.43 -26.91
C GLN D 118 -2.74 3.78 -27.81
N VAL D 119 -1.70 3.22 -27.19
CA VAL D 119 -0.63 2.60 -27.93
C VAL D 119 -1.11 1.24 -28.46
N TYR D 120 -1.80 0.47 -27.63
CA TYR D 120 -2.39 -0.80 -28.05
C TYR D 120 -3.32 -0.60 -29.26
N MET D 121 -4.10 0.48 -29.27
CA MET D 121 -5.07 0.71 -30.34
C MET D 121 -4.36 1.10 -31.65
N GLY D 122 -3.47 2.08 -31.58
CA GLY D 122 -2.69 2.50 -32.76
C GLY D 122 -1.85 1.36 -33.35
N SER D 123 -1.24 0.55 -32.49
CA SER D 123 -0.41 -0.57 -32.93
C SER D 123 -1.29 -1.66 -33.55
N LEU D 124 -2.46 -1.92 -32.95
CA LEU D 124 -3.44 -2.80 -33.61
C LEU D 124 -3.79 -2.32 -35.02
N ILE D 125 -4.05 -1.01 -35.17
CA ILE D 125 -4.36 -0.43 -36.47
C ILE D 125 -3.19 -0.50 -37.44
N LEU D 126 -2.00 -0.10 -36.98
CA LEU D 126 -0.84 -0.11 -37.85
C LEU D 126 -0.53 -1.54 -38.32
N ASN D 127 -0.56 -2.49 -37.39
CA ASN D 127 -0.33 -3.90 -37.74
C ASN D 127 -1.29 -4.40 -38.80
N GLU D 128 -2.58 -4.10 -38.62
CA GLU D 128 -3.61 -4.45 -39.59
C GLU D 128 -3.30 -3.86 -40.97
N LYS D 129 -2.87 -2.60 -41.01
CA LYS D 129 -2.54 -1.95 -42.28
C LYS D 129 -1.32 -2.62 -42.94
N ILE D 130 -0.32 -2.96 -42.14
CA ILE D 130 0.91 -3.58 -42.65
C ILE D 130 0.56 -4.93 -43.27
N VAL D 131 -0.22 -5.74 -42.55
CA VAL D 131 -0.67 -7.04 -43.03
C VAL D 131 -1.54 -6.93 -44.29
N ARG D 132 -2.53 -6.05 -44.26
CA ARG D 132 -3.47 -5.93 -45.39
C ARG D 132 -2.81 -5.37 -46.65
N PHE D 133 -1.90 -4.41 -46.49
CA PHE D 133 -1.24 -3.78 -47.63
C PHE D 133 0.08 -4.45 -48.03
N GLY D 134 0.58 -5.33 -47.15
CA GLY D 134 1.73 -6.16 -47.49
C GLY D 134 3.09 -5.52 -47.34
N SER D 135 3.18 -4.35 -46.70
CA SER D 135 4.49 -3.71 -46.45
C SER D 135 4.42 -2.67 -45.34
N ILE D 136 5.55 -2.45 -44.68
CA ILE D 136 5.65 -1.40 -43.66
C ILE D 136 5.38 -0.03 -44.28
N TYR D 137 5.99 0.25 -45.43
CA TYR D 137 5.79 1.55 -46.07
C TYR D 137 4.32 1.80 -46.34
N SER D 138 3.64 0.82 -46.93
CA SER D 138 2.25 1.01 -47.30
C SER D 138 1.34 1.00 -46.08
N GLY D 139 1.72 0.26 -45.04
CA GLY D 139 1.03 0.29 -43.75
C GLY D 139 1.07 1.67 -43.11
N LEU D 140 2.24 2.30 -43.11
CA LEU D 140 2.42 3.66 -42.59
C LEU D 140 1.61 4.69 -43.35
N LEU D 141 1.71 4.65 -44.68
CA LEU D 141 0.97 5.57 -45.55
C LEU D 141 -0.52 5.52 -45.25
N HIS D 142 -1.07 4.31 -45.16
CA HIS D 142 -2.51 4.16 -44.99
C HIS D 142 -2.96 4.31 -43.55
N TYR D 143 -2.00 4.21 -42.63
CA TYR D 143 -2.24 4.54 -41.23
C TYR D 143 -2.55 6.04 -41.15
N ASN D 144 -1.68 6.85 -41.76
CA ASN D 144 -1.80 8.31 -41.74
C ASN D 144 -2.91 8.84 -42.64
N GLY D 145 -3.14 8.20 -43.78
CA GLY D 145 -4.08 8.73 -44.75
C GLY D 145 -5.41 8.00 -44.89
N GLY D 146 -5.56 6.90 -44.15
CA GLY D 146 -6.69 5.99 -44.37
C GLY D 146 -6.41 5.12 -45.59
N ASP D 147 -7.21 4.08 -45.77
CA ASP D 147 -7.08 3.15 -46.89
C ASP D 147 -7.31 3.81 -48.26
N TYR D 148 -7.99 4.94 -48.29
CA TYR D 148 -8.39 5.56 -49.56
C TYR D 148 -7.78 6.94 -49.77
N TRP D 149 -6.58 7.14 -49.20
CA TRP D 149 -5.84 8.39 -49.34
C TRP D 149 -5.50 8.75 -50.78
N TYR D 150 -5.55 10.04 -51.08
CA TYR D 150 -5.10 10.61 -52.34
C TYR D 150 -4.40 11.92 -52.01
N PRO D 151 -3.42 12.34 -52.81
CA PRO D 151 -2.79 13.65 -52.63
C PRO D 151 -3.82 14.77 -52.64
N GLY D 152 -3.82 15.59 -51.59
CA GLY D 152 -4.83 16.63 -51.40
C GLY D 152 -5.87 16.29 -50.34
N ALA D 153 -5.96 15.02 -49.95
CA ALA D 153 -6.92 14.59 -48.93
C ALA D 153 -6.66 15.31 -47.61
N THR D 154 -7.73 15.49 -46.82
CA THR D 154 -7.62 16.19 -45.54
C THR D 154 -8.17 15.35 -44.39
N ASP D 155 -7.71 15.62 -43.17
CA ASP D 155 -8.12 14.85 -41.99
C ASP D 155 -9.42 15.39 -41.37
N SER D 156 -9.79 14.86 -40.20
CA SER D 156 -11.02 15.27 -39.50
C SER D 156 -11.01 16.74 -39.06
N TYR D 157 -9.83 17.34 -39.10
CA TYR D 157 -9.63 18.71 -38.65
C TYR D 157 -9.37 19.64 -39.84
N GLY D 158 -9.58 19.12 -41.05
CA GLY D 158 -9.40 19.87 -42.29
C GLY D 158 -7.94 20.10 -42.65
N ARG D 159 -7.03 19.40 -41.98
CA ARG D 159 -5.60 19.52 -42.24
C ARG D 159 -5.19 18.61 -43.39
N PRO D 160 -4.32 19.10 -44.28
CA PRO D 160 -3.78 18.28 -45.37
C PRO D 160 -3.03 17.07 -44.84
N ILE D 161 -3.29 15.91 -45.46
CA ILE D 161 -2.58 14.69 -45.08
C ILE D 161 -1.53 14.42 -46.16
N LEU D 162 -0.26 14.54 -45.75
CA LEU D 162 0.86 14.30 -46.65
C LEU D 162 1.40 12.91 -46.39
N ALA D 163 0.62 11.91 -46.76
CA ALA D 163 0.82 10.52 -46.31
C ALA D 163 2.11 9.90 -46.83
N ASP D 164 2.50 10.24 -48.06
CA ASP D 164 3.76 9.76 -48.62
C ASP D 164 4.96 10.30 -47.82
N GLN D 165 4.89 11.57 -47.44
CA GLN D 165 5.95 12.21 -46.64
C GLN D 165 5.95 11.64 -45.22
N TYR D 166 4.76 11.33 -44.70
CA TYR D 166 4.64 10.70 -43.41
C TYR D 166 5.35 9.35 -43.47
N ALA D 167 5.00 8.54 -44.47
CA ALA D 167 5.60 7.23 -44.66
C ALA D 167 7.11 7.31 -44.83
N ASN D 168 7.58 8.23 -45.68
CA ASN D 168 9.02 8.43 -45.86
C ASN D 168 9.72 8.71 -44.53
N THR D 169 9.16 9.64 -43.76
CA THR D 169 9.78 10.14 -42.52
C THR D 169 9.83 9.08 -41.43
N VAL D 170 8.70 8.42 -41.21
CA VAL D 170 8.62 7.43 -40.14
C VAL D 170 9.44 6.18 -40.48
N TYR D 171 9.38 5.75 -41.73
CA TYR D 171 10.21 4.63 -42.21
C TYR D 171 11.69 4.93 -42.01
N ALA D 172 12.11 6.15 -42.35
CA ALA D 172 13.50 6.57 -42.12
C ALA D 172 13.85 6.54 -40.64
N GLN D 173 12.96 7.05 -39.79
CA GLN D 173 13.18 7.06 -38.33
C GLN D 173 13.24 5.64 -37.74
N TYR D 174 12.41 4.76 -38.26
CA TYR D 174 12.41 3.34 -37.90
C TYR D 174 13.78 2.72 -38.16
N LYS D 175 14.30 2.92 -39.37
CA LYS D 175 15.64 2.47 -39.74
C LYS D 175 16.73 3.04 -38.82
N SER D 176 16.62 4.34 -38.54
CA SER D 176 17.59 5.06 -37.73
C SER D 176 17.63 4.50 -36.31
N TYR D 177 16.49 4.02 -35.85
CA TYR D 177 16.38 3.35 -34.56
C TYR D 177 16.92 1.92 -34.57
N GLY D 178 17.28 1.40 -35.74
CA GLY D 178 17.80 0.03 -35.85
C GLY D 178 16.78 -1.01 -36.29
N GLY D 179 15.64 -0.55 -36.82
CA GLY D 179 14.60 -1.46 -37.31
C GLY D 179 15.13 -2.35 -38.43
N ARG D 180 14.76 -3.63 -38.39
CA ARG D 180 15.41 -4.64 -39.24
C ARG D 180 14.73 -4.95 -40.57
N TYR D 181 13.44 -4.64 -40.69
CA TYR D 181 12.66 -5.00 -41.87
C TYR D 181 12.76 -3.98 -42.98
N SER D 182 12.72 -4.44 -44.23
CA SER D 182 12.66 -3.55 -45.38
C SER D 182 11.21 -3.33 -45.78
N ARG D 183 10.40 -4.39 -45.72
CA ARG D 183 8.96 -4.29 -45.93
C ARG D 183 8.19 -5.26 -45.02
C1 NAG E . -1.22 -21.49 16.94
C2 NAG E . -0.97 -20.00 17.09
C3 NAG E . 0.54 -19.69 17.16
C4 NAG E . 1.24 -20.62 18.16
C5 NAG E . 0.80 -22.08 17.95
C6 NAG E . 1.41 -23.06 18.95
C7 NAG E . -2.58 -18.43 16.29
C8 NAG E . -3.23 -17.74 15.13
N2 NAG E . -1.62 -19.30 16.00
O1 NAG E . -2.62 -21.74 16.90
O3 NAG E . 0.74 -18.34 17.50
O4 NAG E . 2.64 -20.45 18.45
O5 NAG E . -0.61 -22.16 18.02
O6 NAG E . 1.29 -22.54 20.25
O7 NAG E . -2.92 -18.15 17.44
C1 NAG E . 3.31 -19.96 19.60
C2 NAG E . 4.81 -20.06 19.41
C3 NAG E . 5.54 -19.48 20.61
C4 NAG E . 4.99 -18.12 21.05
C5 NAG E . 3.45 -18.08 21.02
C6 NAG E . 2.93 -16.66 21.20
C7 NAG E . 5.81 -21.86 18.08
C8 NAG E . 6.13 -23.32 18.04
N2 NAG E . 5.21 -21.44 19.19
O3 NAG E . 6.91 -19.31 20.27
O4 NAG E . 5.47 -17.84 22.35
O5 NAG E . 2.96 -18.60 19.80
O6 NAG E . 3.10 -15.92 20.00
O7 NAG E . 6.10 -21.13 17.13
C1 NAG F . -13.98 -27.30 9.19
C2 NAG F . -12.47 -27.52 9.02
C3 NAG F . -11.73 -27.50 10.36
C4 NAG F . -12.17 -26.32 11.24
C5 NAG F . -13.70 -26.26 11.32
C6 NAG F . -14.17 -25.05 12.12
C7 NAG F . -11.73 -28.85 7.09
C8 NAG F . -11.50 -30.24 6.56
N2 NAG F . -12.19 -28.78 8.34
O1 NAG F . -14.55 -27.05 7.92
O3 NAG F . -10.34 -27.44 10.12
O4 NAG F . -11.40 -26.06 12.41
O5 NAG F . -14.25 -26.19 10.01
O6 NAG F . -14.10 -23.88 11.32
O7 NAG F . -11.46 -27.88 6.38
C1 NAG F . -10.42 -25.05 12.52
C2 NAG F . -10.22 -24.74 13.99
C3 NAG F . -8.99 -23.85 14.23
C4 NAG F . -7.76 -24.36 13.48
C5 NAG F . -8.09 -24.66 12.01
C6 NAG F . -6.94 -25.37 11.32
C7 NAG F . -12.07 -24.55 15.56
C8 NAG F . -13.26 -23.74 15.98
N2 NAG F . -11.39 -24.06 14.52
O3 NAG F . -8.71 -23.80 15.61
O4 NAG F . -6.72 -23.40 13.60
O5 NAG F . -9.22 -25.51 11.93
O6 NAG F . -7.28 -25.57 9.95
O7 NAG F . -11.78 -25.59 16.15
C1 NAG G . -17.50 12.94 -7.17
C2 NAG G . -16.72 14.08 -7.84
C3 NAG G . -17.23 15.42 -7.32
C4 NAG G . -18.74 15.52 -7.49
C5 NAG G . -19.43 14.26 -6.92
C6 NAG G . -20.95 14.29 -7.08
C7 NAG G . -14.42 13.87 -8.59
C8 NAG G . -12.99 13.77 -8.21
N2 NAG G . -15.30 13.97 -7.58
O1 NAG G . -16.99 11.68 -7.56
O3 NAG G . -16.56 16.45 -8.00
O4 NAG G . -19.29 16.75 -7.05
O5 NAG G . -18.87 13.09 -7.49
O6 NAG G . -21.29 14.26 -8.46
O7 NAG G . -14.77 13.86 -9.78
C1 NAG G . -20.05 17.68 -7.78
C2 NAG G . -20.76 18.64 -6.82
C3 NAG G . -21.42 19.81 -7.55
C4 NAG G . -20.53 20.40 -8.65
C5 NAG G . -19.88 19.30 -9.51
C6 NAG G . -18.89 19.86 -10.54
C7 NAG G . -21.67 17.82 -4.68
C8 NAG G . -22.75 17.00 -4.04
N2 NAG G . -21.73 17.91 -6.02
O3 NAG G . -21.71 20.82 -6.61
O4 NAG G . -21.31 21.25 -9.48
O5 NAG G . -19.20 18.39 -8.66
O6 NAG G . -17.76 20.41 -9.89
O7 NAG G . -20.80 18.35 -3.99
C1 NAG H . -10.99 -1.66 -5.48
C2 NAG H . -11.82 -0.89 -4.44
C3 NAG H . -12.68 0.21 -5.06
C4 NAG H . -11.99 0.83 -6.29
C5 NAG H . -11.73 -0.24 -7.36
C6 NAG H . -10.60 0.14 -8.31
C7 NAG H . -12.40 -2.28 -2.50
C8 NAG H . -13.42 -3.22 -1.93
N2 NAG H . -12.68 -1.82 -3.73
O1 NAG H . -9.64 -1.25 -5.42
O3 NAG H . -12.92 1.21 -4.09
O4 NAG H . -12.67 1.85 -7.02
O5 NAG H . -11.51 -1.55 -6.80
O6 NAG H . -9.48 0.62 -7.60
O7 NAG H . -11.40 -1.97 -1.86
C1 NAG H . -12.63 3.26 -6.96
C2 NAG H . -13.39 3.80 -8.17
C3 NAG H . -13.53 5.32 -8.07
C4 NAG H . -14.24 5.66 -6.77
C5 NAG H . -13.46 5.08 -5.58
C6 NAG H . -14.21 5.24 -4.26
C7 NAG H . -13.23 2.77 -10.38
C8 NAG H . -12.33 2.51 -11.56
N2 NAG H . -12.68 3.45 -9.38
O3 NAG H . -14.23 5.83 -9.18
O4 NAG H . -14.41 7.06 -6.70
O5 NAG H . -13.20 3.70 -5.73
O6 NAG H . -13.44 4.66 -3.24
O7 NAG H . -14.40 2.37 -10.37
C1 NAG I . 4.24 -5.93 38.35
C2 NAG I . 5.41 -5.06 38.83
C3 NAG I . 6.09 -5.70 40.04
C4 NAG I . 5.10 -6.18 41.11
C5 NAG I . 3.91 -6.91 40.48
C6 NAG I . 2.82 -7.22 41.51
C7 NAG I . 6.87 -3.61 37.59
C8 NAG I . 7.88 -3.44 36.50
N2 NAG I . 6.38 -4.83 37.78
O1 NAG I . 3.55 -5.32 37.27
O3 NAG I . 6.99 -4.78 40.65
O4 NAG I . 5.68 -6.64 42.34
O5 NAG I . 3.35 -6.13 39.43
O6 NAG I . 2.48 -6.04 42.20
O7 NAG I . 6.55 -2.63 38.27
C1 NAG I . 5.55 -6.19 43.67
C2 NAG I . 6.00 -7.32 44.61
C3 NAG I . 6.14 -6.85 46.06
C4 NAG I . 6.85 -5.49 46.15
C5 NAG I . 6.23 -4.49 45.17
C6 NAG I . 6.93 -3.13 45.19
C7 NAG I . 5.37 -9.64 44.24
C8 NAG I . 4.22 -10.61 44.18
N2 NAG I . 5.03 -8.39 44.52
O3 NAG I . 6.88 -7.81 46.77
O4 NAG I . 6.81 -5.01 47.46
O5 NAG I . 6.31 -5.01 43.85
O6 NAG I . 8.27 -3.26 44.76
O7 NAG I . 6.53 -10.02 44.05
C1 NAG J . -6.36 9.95 -40.45
C2 NAG J . -6.82 8.63 -39.81
C3 NAG J . -7.50 7.72 -40.85
C4 NAG J . -8.59 8.52 -41.55
C5 NAG J . -7.98 9.78 -42.17
C6 NAG J . -9.00 10.62 -42.93
C7 NAG J . -5.69 7.71 -37.86
C8 NAG J . -4.46 7.04 -37.35
N2 NAG J . -5.71 7.96 -39.18
O1 NAG J . -5.87 10.83 -39.46
O3 NAG J . -8.04 6.57 -40.23
O4 NAG J . -9.23 7.71 -42.54
O5 NAG J . -7.42 10.59 -41.15
O6 NAG J . -10.00 11.01 -42.03
O7 NAG J . -6.61 8.00 -37.08
C1 NAG J . -10.63 7.49 -42.63
C2 NAG J . -10.94 6.93 -44.02
C3 NAG J . -12.40 6.54 -44.12
C4 NAG J . -12.77 5.56 -43.01
C5 NAG J . -12.30 6.02 -41.63
C6 NAG J . -12.21 4.77 -40.76
C7 NAG J . -9.98 7.63 -46.14
C8 NAG J . -9.79 8.76 -47.11
N2 NAG J . -10.67 7.92 -45.04
O3 NAG J . -12.62 5.97 -45.39
O4 NAG J . -14.17 5.42 -42.93
O5 NAG J . -11.00 6.59 -41.60
O6 NAG J . -12.06 5.19 -39.45
O7 NAG J . -9.51 6.52 -46.36
C1 NAG K . 5.80 18.57 -35.60
C2 NAG K . 5.60 17.88 -36.94
C3 NAG K . 4.11 17.59 -37.14
C4 NAG K . 3.57 16.79 -35.96
C5 NAG K . 4.02 17.29 -34.59
C6 NAG K . 3.86 16.13 -33.61
C7 NAG K . 7.05 18.16 -38.88
C8 NAG K . 7.55 19.06 -39.98
N2 NAG K . 6.14 18.67 -38.05
O1 NAG K . 7.18 18.79 -35.43
O3 NAG K . 3.95 16.82 -38.30
O4 NAG K . 2.14 16.75 -36.01
O5 NAG K . 5.38 17.70 -34.56
O6 NAG K . 3.93 16.64 -32.30
O7 NAG K . 7.50 17.00 -38.80
C1 NAG K . 1.55 15.51 -36.31
C2 NAG K . 0.08 15.56 -35.89
C3 NAG K . -0.64 14.29 -36.35
C4 NAG K . -0.39 14.02 -37.82
C5 NAG K . 1.11 14.05 -38.15
C6 NAG K . 1.35 13.93 -39.65
C7 NAG K . -0.69 16.65 -33.81
C8 NAG K . -0.68 16.58 -32.31
N2 NAG K . -0.03 15.68 -34.44
O3 NAG K . -2.04 14.40 -36.13
O4 NAG K . -0.93 12.76 -38.12
O5 NAG K . 1.68 15.29 -37.72
O6 NAG K . 2.74 13.87 -39.90
O7 NAG K . -1.31 17.57 -34.36
#